data_7UA8
#
_entry.id   7UA8
#
_cell.length_a   153.470
_cell.length_b   165.120
_cell.length_c   44.210
_cell.angle_alpha   90.000
_cell.angle_beta   90.000
_cell.angle_gamma   90.000
#
_symmetry.space_group_name_H-M   'P 21 21 2'
#
loop_
_entity.id
_entity.type
_entity.pdbx_description
1 polymer 'Gametocyte surface protein P230'
2 polymer 230Al-20
3 water water
#
loop_
_entity_poly.entity_id
_entity_poly.type
_entity_poly.pdbx_seq_one_letter_code
_entity_poly.pdbx_strand_id
1 'polypeptide(L)'
;SVLQSGALPSVGVDELDKIDLSYETTESGDTAVSEDSYDKYASQNTNKEYVCDFTDQLKPTESGPKVKKCEVKVNEPLIK
VKIICPLKGSVEKLYDNIEYVPKKSPYVVLTKEETKLKEKLLSKLIYGLLISPTVNEKENNFKEGVIEFTLPPVVHKATV
FYFICDNSKTEDDNKKGNRGIVEVYVEPYGN
;
A,B
2 'polypeptide(L)'
;TGQVQLVQSGAEVKKPGASVKVSCKASGYTFTEYYMHWVRQAPGQGLEWMGWINPKSGDTKFPQRFQGRVTLTRDTSIST
VYMELTRLRSDDTAVYYCARGNFRDYYFASWGQGTLVTVSSGGGGSGGGGSGGGGSGGGGSDIQMTQSPSSLSASVGDRV
TITCRASQNINIYLNWYQQKPGKAPKLLIYAASSLQSGVPSTFSGSGSGTDFALTISSLQPEDFATYYCQQSYSSPLTFG
GGTKVEIKGTHHHHHH
;
H,I
#
# COMPACT_ATOMS: atom_id res chain seq x y z
N LEU A 16 19.35 -34.39 -12.44
CA LEU A 16 18.34 -34.71 -13.44
C LEU A 16 17.13 -33.77 -13.37
N ASP A 17 17.15 -32.85 -12.40
CA ASP A 17 16.22 -31.74 -12.22
C ASP A 17 14.99 -32.09 -11.37
N LYS A 18 14.88 -33.32 -10.88
CA LYS A 18 13.73 -33.72 -10.05
C LYS A 18 13.93 -33.29 -8.61
N ILE A 19 12.82 -32.87 -7.96
CA ILE A 19 12.83 -32.52 -6.54
C ILE A 19 12.26 -33.69 -5.73
N ASP A 20 12.85 -33.95 -4.56
CA ASP A 20 12.36 -34.94 -3.61
C ASP A 20 11.36 -34.25 -2.69
N LEU A 21 10.06 -34.39 -2.99
CA LEU A 21 9.03 -33.70 -2.23
C LEU A 21 9.03 -34.06 -0.75
N SER A 22 9.62 -35.19 -0.37
CA SER A 22 9.57 -35.67 1.01
C SER A 22 10.72 -35.13 1.86
N TYR A 23 11.76 -34.58 1.25
CA TYR A 23 12.94 -34.17 2.00
C TYR A 23 12.63 -32.97 2.92
N GLU A 24 13.31 -32.96 4.06
CA GLU A 24 13.09 -31.99 5.13
C GLU A 24 14.39 -31.75 5.89
N THR A 25 14.64 -30.50 6.27
CA THR A 25 15.77 -30.19 7.14
C THR A 25 15.50 -28.90 7.90
N THR A 26 16.55 -28.34 8.51
CA THR A 26 16.47 -27.13 9.30
C THR A 26 17.78 -26.37 9.16
N GLU A 27 17.71 -25.06 9.40
CA GLU A 27 18.94 -24.26 9.37
C GLU A 27 19.98 -24.81 10.34
N SER A 28 19.56 -25.16 11.56
CA SER A 28 20.51 -25.65 12.56
C SER A 28 20.97 -27.08 12.28
N GLY A 29 20.19 -27.86 11.56
CA GLY A 29 20.52 -29.26 11.37
C GLY A 29 20.52 -30.01 12.69
N ASP A 30 21.65 -30.64 13.01
CA ASP A 30 21.80 -31.40 14.25
C ASP A 30 22.74 -30.71 15.23
N THR A 31 23.13 -29.47 14.95
CA THR A 31 24.18 -28.80 15.71
C THR A 31 23.73 -28.38 17.11
N ALA A 32 22.43 -28.22 17.34
CA ALA A 32 21.91 -27.71 18.59
C ALA A 32 22.37 -26.28 18.85
N VAL A 33 22.64 -25.54 17.78
CA VAL A 33 22.88 -24.10 17.85
C VAL A 33 21.61 -23.38 17.41
N SER A 34 21.22 -22.36 18.16
CA SER A 34 20.05 -21.57 17.84
C SER A 34 20.41 -20.39 16.95
N GLU A 35 19.42 -19.88 16.21
CA GLU A 35 19.69 -18.90 15.17
C GLU A 35 20.40 -17.66 15.70
N ASP A 36 20.14 -17.28 16.95
CA ASP A 36 20.77 -16.09 17.52
C ASP A 36 22.25 -16.27 17.83
N SER A 37 22.77 -17.50 17.82
CA SER A 37 24.18 -17.74 18.06
C SER A 37 24.96 -18.01 16.78
N TYR A 38 24.30 -18.02 15.63
CA TYR A 38 24.99 -18.22 14.36
C TYR A 38 26.06 -17.16 14.16
N ASP A 39 27.15 -17.56 13.51
CA ASP A 39 28.15 -16.64 12.98
C ASP A 39 27.65 -16.19 11.62
N LYS A 40 26.88 -15.10 11.63
CA LYS A 40 26.32 -14.49 10.43
C LYS A 40 27.34 -13.58 9.77
N TYR A 41 27.33 -13.55 8.44
CA TYR A 41 28.19 -12.60 7.74
C TYR A 41 27.78 -12.44 6.28
N ALA A 42 27.94 -11.20 5.79
CA ALA A 42 27.63 -10.86 4.41
C ALA A 42 28.53 -11.58 3.41
N SER A 43 28.00 -11.79 2.20
CA SER A 43 28.78 -12.20 1.05
C SER A 43 29.81 -11.12 0.68
N GLN A 44 30.79 -11.52 -0.12
CA GLN A 44 31.81 -10.61 -0.65
C GLN A 44 31.36 -10.19 -2.04
N ASN A 45 31.07 -8.90 -2.21
CA ASN A 45 30.33 -8.38 -3.35
C ASN A 45 31.25 -7.52 -4.21
N THR A 46 31.73 -8.08 -5.31
CA THR A 46 32.73 -7.44 -6.17
C THR A 46 32.08 -7.15 -7.52
N ASN A 47 31.89 -5.87 -7.82
CA ASN A 47 31.15 -5.43 -9.00
C ASN A 47 29.77 -6.08 -8.99
N LYS A 48 29.56 -7.07 -9.87
CA LYS A 48 28.29 -7.78 -9.95
C LYS A 48 28.49 -9.28 -9.81
N GLU A 49 29.37 -9.69 -8.89
CA GLU A 49 29.46 -11.08 -8.46
C GLU A 49 29.47 -11.10 -6.94
N TYR A 50 28.50 -11.78 -6.34
CA TYR A 50 28.41 -11.93 -4.90
C TYR A 50 28.86 -13.34 -4.54
N VAL A 51 29.82 -13.46 -3.63
CA VAL A 51 30.51 -14.72 -3.37
C VAL A 51 30.36 -15.12 -1.91
N CYS A 52 30.09 -16.42 -1.70
CA CYS A 52 30.25 -17.06 -0.40
C CYS A 52 31.30 -18.16 -0.55
N ASP A 53 32.47 -17.97 0.06
CA ASP A 53 33.54 -18.95 0.05
C ASP A 53 33.64 -19.58 1.43
N PHE A 54 33.39 -20.89 1.49
CA PHE A 54 33.41 -21.63 2.75
C PHE A 54 34.72 -22.38 2.98
N THR A 55 35.73 -22.15 2.15
CA THR A 55 36.99 -22.88 2.27
C THR A 55 37.50 -22.87 3.71
N ASP A 56 37.70 -21.68 4.27
CA ASP A 56 38.31 -21.55 5.59
C ASP A 56 37.29 -21.71 6.71
N GLN A 57 36.05 -21.29 6.49
CA GLN A 57 35.09 -21.13 7.56
C GLN A 57 34.64 -22.45 8.19
N LEU A 58 34.82 -23.58 7.50
CA LEU A 58 34.24 -24.85 7.95
C LEU A 58 35.26 -25.81 8.57
N LYS A 59 36.54 -25.46 8.62
CA LYS A 59 37.53 -26.38 9.16
C LYS A 59 37.23 -26.70 10.63
N PRO A 60 37.45 -27.94 11.07
CA PRO A 60 37.19 -28.27 12.47
C PRO A 60 38.06 -27.45 13.42
N THR A 61 37.46 -27.02 14.53
CA THR A 61 38.18 -26.36 15.60
C THR A 61 37.64 -26.88 16.93
N GLU A 62 38.35 -26.52 18.01
CA GLU A 62 37.96 -26.97 19.34
C GLU A 62 36.58 -26.46 19.73
N SER A 63 36.18 -25.29 19.24
CA SER A 63 34.93 -24.65 19.64
C SER A 63 33.73 -25.14 18.83
N GLY A 64 33.93 -26.01 17.84
CA GLY A 64 32.85 -26.46 17.00
C GLY A 64 31.92 -27.41 17.74
N PRO A 65 30.70 -27.63 17.21
CA PRO A 65 30.21 -27.15 15.91
C PRO A 65 29.61 -25.74 15.95
N LYS A 66 30.02 -24.93 14.98
CA LYS A 66 29.54 -23.59 14.77
C LYS A 66 28.66 -23.56 13.53
N VAL A 67 27.76 -22.60 13.47
CA VAL A 67 26.96 -22.36 12.27
C VAL A 67 27.49 -21.11 11.61
N LYS A 68 27.97 -21.24 10.38
CA LYS A 68 28.39 -20.09 9.58
C LYS A 68 27.30 -19.80 8.56
N LYS A 69 26.73 -18.61 8.62
CA LYS A 69 25.60 -18.23 7.77
C LYS A 69 26.02 -17.09 6.84
N CYS A 70 26.28 -17.41 5.59
CA CYS A 70 26.70 -16.41 4.61
C CYS A 70 25.45 -15.86 3.92
N GLU A 71 25.21 -14.57 4.09
CA GLU A 71 23.96 -13.94 3.67
C GLU A 71 24.18 -13.15 2.38
N VAL A 72 23.45 -13.55 1.34
CA VAL A 72 23.55 -12.95 0.01
C VAL A 72 22.28 -12.13 -0.20
N LYS A 73 22.42 -10.81 -0.27
CA LYS A 73 21.28 -9.90 -0.40
C LYS A 73 21.39 -9.16 -1.72
N VAL A 74 20.35 -9.28 -2.55
CA VAL A 74 20.36 -8.79 -3.92
C VAL A 74 19.13 -7.94 -4.17
N ASN A 75 19.33 -6.71 -4.65
CA ASN A 75 18.21 -5.88 -5.09
C ASN A 75 18.63 -5.02 -6.28
N GLU A 76 19.47 -5.59 -7.16
CA GLU A 76 19.98 -4.91 -8.34
C GLU A 76 20.19 -5.95 -9.43
N PRO A 77 20.20 -5.54 -10.70
CA PRO A 77 19.99 -6.50 -11.78
C PRO A 77 21.22 -7.31 -12.18
N LEU A 78 20.94 -8.53 -12.66
CA LEU A 78 21.91 -9.40 -13.33
C LEU A 78 23.12 -9.68 -12.45
N ILE A 79 22.87 -9.93 -11.17
CA ILE A 79 23.91 -10.31 -10.24
C ILE A 79 24.23 -11.78 -10.42
N LYS A 80 25.52 -12.12 -10.34
CA LYS A 80 25.99 -13.49 -10.32
C LYS A 80 26.26 -13.88 -8.87
N VAL A 81 25.76 -15.04 -8.47
CA VAL A 81 26.01 -15.60 -7.14
C VAL A 81 26.87 -16.85 -7.32
N LYS A 82 27.97 -16.92 -6.58
CA LYS A 82 28.91 -18.03 -6.62
C LYS A 82 29.09 -18.56 -5.19
N ILE A 83 28.92 -19.87 -5.02
CA ILE A 83 29.06 -20.51 -3.72
C ILE A 83 30.11 -21.60 -3.84
N ILE A 84 31.12 -21.54 -2.97
CA ILE A 84 32.25 -22.46 -2.96
C ILE A 84 32.14 -23.32 -1.71
N CYS A 85 32.12 -24.64 -1.88
CA CYS A 85 32.00 -25.58 -0.78
C CYS A 85 33.12 -26.60 -0.91
N PRO A 86 34.08 -26.62 0.04
CA PRO A 86 35.27 -27.48 -0.16
C PRO A 86 34.91 -28.96 -0.23
N LEU A 87 35.57 -29.65 -1.15
CA LEU A 87 35.27 -31.05 -1.43
C LEU A 87 35.85 -31.99 -0.39
N LYS A 88 35.14 -33.11 -0.17
CA LYS A 88 35.69 -34.21 0.60
C LYS A 88 37.05 -34.62 0.03
N GLY A 89 38.06 -34.65 0.88
CA GLY A 89 39.39 -35.05 0.47
C GLY A 89 40.18 -33.98 -0.25
N SER A 90 39.58 -32.82 -0.54
CA SER A 90 40.35 -31.73 -1.13
C SER A 90 41.56 -31.37 -0.27
N VAL A 91 41.41 -31.49 1.05
CA VAL A 91 42.53 -31.54 1.98
C VAL A 91 42.24 -32.70 2.94
N GLU A 92 43.26 -33.50 3.24
CA GLU A 92 43.04 -34.67 4.07
C GLU A 92 42.47 -34.27 5.43
N LYS A 93 41.58 -35.12 5.95
CA LYS A 93 41.02 -35.00 7.30
C LYS A 93 40.00 -33.88 7.43
N LEU A 94 40.28 -32.71 6.88
CA LEU A 94 39.50 -31.51 7.21
C LEU A 94 38.03 -31.65 6.82
N TYR A 95 37.74 -32.28 5.68
CA TYR A 95 36.40 -32.31 5.13
C TYR A 95 35.88 -33.73 4.91
N ASP A 96 36.24 -34.66 5.80
CA ASP A 96 35.94 -36.07 5.56
C ASP A 96 34.44 -36.36 5.51
N ASN A 97 33.63 -35.65 6.30
CA ASN A 97 32.21 -35.96 6.44
C ASN A 97 31.30 -34.87 5.87
N ILE A 98 31.84 -34.01 5.01
CA ILE A 98 31.08 -32.87 4.51
C ILE A 98 29.93 -33.34 3.64
N GLU A 99 28.76 -32.69 3.80
CA GLU A 99 27.57 -32.94 3.00
C GLU A 99 27.03 -31.63 2.47
N TYR A 100 26.56 -31.60 1.23
CA TYR A 100 25.91 -30.42 0.69
C TYR A 100 24.45 -30.72 0.32
N VAL A 101 23.59 -29.74 0.54
CA VAL A 101 22.15 -29.85 0.32
C VAL A 101 21.65 -28.57 -0.37
N PRO A 102 20.75 -28.66 -1.36
CA PRO A 102 20.36 -29.88 -2.08
C PRO A 102 21.50 -30.44 -2.91
N LYS A 103 21.49 -31.76 -3.15
CA LYS A 103 22.48 -32.37 -4.02
C LYS A 103 22.53 -31.67 -5.37
N LYS A 104 21.37 -31.34 -5.93
CA LYS A 104 21.26 -30.84 -7.29
C LYS A 104 21.35 -29.32 -7.38
N SER A 105 21.99 -28.68 -6.41
CA SER A 105 22.19 -27.24 -6.49
C SER A 105 23.00 -26.91 -7.74
N PRO A 106 22.75 -25.75 -8.40
CA PRO A 106 21.83 -24.67 -8.03
C PRO A 106 20.43 -24.81 -8.60
N TYR A 107 20.22 -25.84 -9.43
CA TYR A 107 18.89 -26.07 -10.00
C TYR A 107 17.85 -26.23 -8.89
N VAL A 108 18.19 -26.95 -7.83
CA VAL A 108 17.31 -27.17 -6.69
C VAL A 108 17.86 -26.42 -5.48
N VAL A 109 16.99 -25.74 -4.75
CA VAL A 109 17.34 -25.01 -3.54
C VAL A 109 16.39 -25.42 -2.42
N LEU A 110 16.57 -24.82 -1.26
CA LEU A 110 15.69 -25.01 -0.11
C LEU A 110 14.96 -23.70 0.20
N THR A 111 13.69 -23.82 0.60
CA THR A 111 12.90 -22.68 1.05
C THR A 111 12.14 -23.05 2.30
N LYS A 112 11.72 -22.03 3.05
CA LYS A 112 11.02 -22.22 4.31
C LYS A 112 9.52 -22.38 4.03
N GLU A 113 8.99 -23.57 4.29
CA GLU A 113 7.56 -23.86 4.24
C GLU A 113 7.12 -24.35 5.61
N GLU A 114 6.14 -23.65 6.20
CA GLU A 114 5.62 -24.01 7.52
C GLU A 114 6.74 -24.38 8.49
N THR A 115 7.72 -23.49 8.58
CA THR A 115 8.84 -23.48 9.53
C THR A 115 9.92 -24.51 9.24
N LYS A 116 9.82 -25.31 8.17
CA LYS A 116 10.86 -26.28 7.84
C LYS A 116 11.36 -26.05 6.41
N LEU A 117 12.62 -26.45 6.17
CA LEU A 117 13.25 -26.26 4.87
C LEU A 117 12.90 -27.42 3.94
N LYS A 118 12.40 -27.10 2.76
CA LYS A 118 12.00 -28.11 1.78
C LYS A 118 12.52 -27.72 0.40
N GLU A 119 12.73 -28.74 -0.43
CA GLU A 119 13.31 -28.54 -1.75
C GLU A 119 12.34 -27.84 -2.70
N LYS A 120 12.91 -27.10 -3.64
CA LYS A 120 12.16 -26.29 -4.60
C LYS A 120 13.04 -26.07 -5.83
N LEU A 121 12.39 -25.99 -6.99
CA LEU A 121 13.10 -25.64 -8.22
C LEU A 121 13.36 -24.14 -8.23
N LEU A 122 14.62 -23.75 -8.48
CA LEU A 122 14.95 -22.33 -8.46
C LEU A 122 14.33 -21.60 -9.65
N SER A 123 14.24 -22.26 -10.80
CA SER A 123 13.65 -21.61 -11.98
C SER A 123 12.17 -21.34 -11.79
N LYS A 124 11.47 -22.16 -11.01
CA LYS A 124 10.08 -21.94 -10.68
C LYS A 124 9.88 -20.83 -9.67
N LEU A 125 10.92 -20.50 -8.91
CA LEU A 125 10.86 -19.50 -7.86
C LEU A 125 11.18 -18.11 -8.37
N ILE A 126 12.06 -18.00 -9.36
CA ILE A 126 12.47 -16.73 -9.94
C ILE A 126 12.45 -16.89 -11.46
N TYR A 127 11.51 -16.22 -12.12
CA TYR A 127 11.35 -16.35 -13.57
C TYR A 127 12.46 -15.61 -14.30
N GLY A 128 13.03 -16.27 -15.30
CA GLY A 128 14.12 -15.68 -16.07
C GLY A 128 15.50 -15.96 -15.52
N LEU A 129 15.66 -17.00 -14.70
CA LEU A 129 16.95 -17.33 -14.11
C LEU A 129 17.85 -17.99 -15.14
N LEU A 130 19.11 -17.54 -15.20
CA LEU A 130 20.14 -18.17 -16.03
C LEU A 130 20.95 -19.12 -15.17
N ILE A 131 20.98 -20.40 -15.55
CA ILE A 131 21.91 -21.37 -14.99
C ILE A 131 22.73 -21.91 -16.15
N SER A 132 23.99 -21.52 -16.22
CA SER A 132 24.90 -22.10 -17.20
C SER A 132 25.19 -23.55 -16.80
N PRO A 133 25.00 -24.52 -17.70
CA PRO A 133 25.29 -25.91 -17.32
C PRO A 133 26.71 -26.13 -16.83
N THR A 134 27.67 -25.32 -17.28
CA THR A 134 29.08 -25.53 -16.97
C THR A 134 29.70 -24.29 -16.36
N VAL A 135 30.50 -24.51 -15.32
CA VAL A 135 31.33 -23.49 -14.69
C VAL A 135 32.78 -23.88 -14.97
N ASN A 136 33.46 -23.13 -15.83
CA ASN A 136 34.84 -23.40 -16.20
C ASN A 136 35.00 -24.82 -16.75
N GLU A 137 34.13 -25.17 -17.70
CA GLU A 137 34.16 -26.46 -18.38
C GLU A 137 33.84 -27.61 -17.43
N LYS A 138 33.40 -27.32 -16.21
CA LYS A 138 33.02 -28.34 -15.23
C LYS A 138 31.54 -28.21 -14.90
N GLU A 139 30.97 -29.32 -14.43
CA GLU A 139 29.55 -29.38 -14.09
C GLU A 139 29.20 -28.35 -13.02
N ASN A 140 28.10 -27.63 -13.24
CA ASN A 140 27.60 -26.63 -12.29
C ASN A 140 26.89 -27.38 -11.16
N ASN A 141 27.69 -27.85 -10.20
CA ASN A 141 27.21 -28.72 -9.13
C ASN A 141 28.25 -28.74 -8.03
N PHE A 142 27.78 -29.00 -6.80
CA PHE A 142 28.67 -29.02 -5.65
C PHE A 142 29.68 -30.15 -5.70
N LYS A 143 29.40 -31.22 -6.47
CA LYS A 143 30.39 -32.28 -6.64
C LYS A 143 31.67 -31.77 -7.26
N GLU A 144 31.62 -30.61 -7.94
CA GLU A 144 32.80 -29.96 -8.49
C GLU A 144 33.31 -28.83 -7.60
N GLY A 145 32.69 -28.60 -6.45
CA GLY A 145 33.21 -27.66 -5.48
C GLY A 145 32.69 -26.24 -5.58
N VAL A 146 31.84 -25.95 -6.57
CA VAL A 146 31.35 -24.60 -6.76
C VAL A 146 30.05 -24.66 -7.56
N ILE A 147 29.14 -23.75 -7.23
CA ILE A 147 27.95 -23.53 -8.05
C ILE A 147 27.82 -22.03 -8.31
N GLU A 148 27.22 -21.69 -9.45
CA GLU A 148 26.95 -20.30 -9.78
C GLU A 148 25.59 -20.20 -10.44
N PHE A 149 24.96 -19.04 -10.29
CA PHE A 149 23.80 -18.69 -11.10
C PHE A 149 23.78 -17.18 -11.29
N THR A 150 22.95 -16.73 -12.24
CA THR A 150 22.80 -15.31 -12.53
C THR A 150 21.33 -14.96 -12.41
N LEU A 151 21.02 -13.96 -11.57
CA LEU A 151 19.65 -13.53 -11.38
C LEU A 151 19.21 -12.67 -12.56
N PRO A 152 17.90 -12.59 -12.81
CA PRO A 152 17.40 -11.95 -14.04
C PRO A 152 17.46 -10.43 -13.96
N PRO A 153 17.16 -9.74 -15.06
CA PRO A 153 17.16 -8.27 -15.04
C PRO A 153 16.02 -7.65 -14.25
N VAL A 154 14.94 -8.39 -13.99
CA VAL A 154 13.80 -7.86 -13.24
C VAL A 154 13.26 -8.95 -12.32
N VAL A 155 12.94 -8.55 -11.10
CA VAL A 155 12.36 -9.44 -10.09
C VAL A 155 11.18 -8.71 -9.44
N HIS A 156 10.03 -9.37 -9.39
CA HIS A 156 8.83 -8.75 -8.85
C HIS A 156 8.46 -9.21 -7.46
N LYS A 157 8.95 -10.37 -7.01
CA LYS A 157 8.56 -10.94 -5.73
C LYS A 157 9.79 -11.16 -4.86
N ALA A 158 9.72 -10.69 -3.60
CA ALA A 158 10.73 -11.03 -2.61
C ALA A 158 10.78 -12.54 -2.41
N THR A 159 12.00 -13.06 -2.22
CA THR A 159 12.24 -14.50 -2.29
C THR A 159 13.45 -14.84 -1.45
N VAL A 160 13.37 -15.89 -0.65
CA VAL A 160 14.46 -16.27 0.24
C VAL A 160 14.69 -17.78 0.09
N PHE A 161 15.91 -18.17 -0.30
CA PHE A 161 16.22 -19.58 -0.48
C PHE A 161 17.61 -19.86 0.07
N TYR A 162 17.89 -21.15 0.28
CA TYR A 162 19.01 -21.56 1.10
C TYR A 162 19.84 -22.66 0.43
N PHE A 163 21.13 -22.67 0.78
CA PHE A 163 22.03 -23.79 0.50
C PHE A 163 22.69 -24.21 1.82
N ILE A 164 22.99 -25.50 1.95
CA ILE A 164 23.66 -26.04 3.12
C ILE A 164 24.98 -26.69 2.67
N CYS A 165 26.08 -26.31 3.31
CA CYS A 165 27.41 -26.92 3.12
C CYS A 165 27.85 -27.31 4.54
N ASP A 166 27.45 -28.49 5.00
CA ASP A 166 27.55 -28.88 6.40
C ASP A 166 28.76 -29.80 6.59
N ASN A 167 29.78 -29.28 7.29
CA ASN A 167 30.96 -30.04 7.68
C ASN A 167 30.93 -30.42 9.16
N SER A 168 29.76 -30.38 9.78
CA SER A 168 29.62 -30.51 11.23
C SER A 168 29.68 -31.94 11.73
N LYS A 169 29.79 -32.93 10.84
CA LYS A 169 29.97 -34.31 11.26
C LYS A 169 31.42 -34.78 11.13
N THR A 170 32.34 -33.88 10.76
CA THR A 170 33.76 -34.17 10.68
C THR A 170 34.43 -33.88 12.03
N GLU A 171 35.16 -34.86 12.56
CA GLU A 171 35.85 -34.72 13.84
C GLU A 171 37.32 -35.10 13.73
N ASP A 172 38.18 -34.25 14.28
CA ASP A 172 39.63 -34.50 14.41
C ASP A 172 39.97 -34.38 15.90
N ASP A 173 39.82 -35.47 16.64
CA ASP A 173 40.00 -35.47 18.10
C ASP A 173 38.95 -34.53 18.68
N ASN A 174 39.33 -33.54 19.50
CA ASN A 174 38.40 -32.59 20.08
C ASN A 174 38.09 -31.42 19.13
N LYS A 175 38.48 -31.50 17.87
CA LYS A 175 38.14 -30.51 16.86
C LYS A 175 36.92 -31.00 16.08
N LYS A 176 36.05 -30.07 15.69
CA LYS A 176 34.81 -30.44 15.00
C LYS A 176 34.45 -29.38 13.96
N GLY A 177 34.07 -29.85 12.77
CA GLY A 177 33.76 -28.95 11.67
C GLY A 177 32.46 -28.20 11.86
N ASN A 178 32.23 -27.24 10.96
CA ASN A 178 31.12 -26.31 11.06
C ASN A 178 30.08 -26.55 9.99
N ARG A 179 28.85 -26.09 10.28
CA ARG A 179 27.73 -26.12 9.34
C ARG A 179 27.61 -24.76 8.66
N GLY A 180 27.73 -24.74 7.33
CA GLY A 180 27.60 -23.52 6.57
C GLY A 180 26.21 -23.39 5.96
N ILE A 181 25.64 -22.20 6.11
CA ILE A 181 24.38 -21.84 5.48
C ILE A 181 24.65 -20.71 4.50
N VAL A 182 24.02 -20.76 3.33
CA VAL A 182 23.88 -19.61 2.46
C VAL A 182 22.40 -19.23 2.46
N GLU A 183 22.10 -18.00 2.85
CA GLU A 183 20.76 -17.43 2.75
C GLU A 183 20.78 -16.37 1.65
N VAL A 184 20.16 -16.65 0.52
CA VAL A 184 20.03 -15.70 -0.57
C VAL A 184 18.67 -15.04 -0.44
N TYR A 185 18.67 -13.71 -0.33
CA TYR A 185 17.47 -12.89 -0.12
C TYR A 185 17.34 -11.93 -1.29
N VAL A 186 16.49 -12.27 -2.24
CA VAL A 186 16.23 -11.43 -3.41
C VAL A 186 15.05 -10.52 -3.13
N GLU A 187 15.24 -9.22 -3.37
CA GLU A 187 14.21 -8.20 -3.28
C GLU A 187 13.75 -7.79 -4.67
N PRO A 188 12.58 -7.17 -4.78
CA PRO A 188 12.17 -6.62 -6.08
C PRO A 188 13.18 -5.61 -6.61
N TYR A 189 13.38 -5.63 -7.93
CA TYR A 189 14.17 -4.62 -8.60
C TYR A 189 13.82 -4.62 -10.08
N GLY A 190 14.25 -3.57 -10.77
CA GLY A 190 14.14 -3.48 -12.21
C GLY A 190 12.99 -2.63 -12.73
N ASN A 191 12.58 -1.59 -11.99
CA ASN A 191 11.42 -0.79 -12.39
C ASN A 191 11.79 0.66 -12.68
N GLN B 3 9.27 8.60 -5.78
CA GLN B 3 8.56 7.43 -6.38
C GLN B 3 7.93 6.54 -5.28
N VAL B 4 8.75 6.03 -4.37
CA VAL B 4 8.28 5.37 -3.17
C VAL B 4 7.88 6.39 -2.13
N GLN B 5 6.73 6.19 -1.50
CA GLN B 5 6.23 7.15 -0.52
C GLN B 5 5.54 6.42 0.62
N LEU B 6 5.67 6.99 1.82
CA LEU B 6 5.06 6.46 3.04
C LEU B 6 4.49 7.66 3.78
N VAL B 7 3.17 7.78 3.81
CA VAL B 7 2.50 8.97 4.33
C VAL B 7 1.78 8.59 5.62
N GLN B 8 1.95 9.43 6.65
CA GLN B 8 1.52 9.10 8.00
C GLN B 8 0.45 10.07 8.48
N SER B 9 -0.30 9.62 9.49
CA SER B 9 -1.37 10.43 10.06
C SER B 9 -0.82 11.67 10.77
N GLY B 10 -1.70 12.63 11.02
CA GLY B 10 -1.31 13.90 11.59
C GLY B 10 -0.93 13.81 13.06
N ALA B 11 -0.59 14.98 13.60
CA ALA B 11 -0.09 15.04 14.97
C ALA B 11 -1.21 14.78 15.96
N GLU B 12 -0.87 14.11 17.06
CA GLU B 12 -1.84 13.70 18.07
C GLU B 12 -1.45 14.27 19.44
N VAL B 13 -2.46 14.64 20.22
CA VAL B 13 -2.29 15.18 21.56
C VAL B 13 -3.10 14.31 22.51
N LYS B 14 -2.43 13.72 23.50
CA LYS B 14 -3.04 12.68 24.31
C LYS B 14 -2.83 12.93 25.79
N LYS B 15 -3.83 12.53 26.57
CA LYS B 15 -3.63 12.47 28.02
C LYS B 15 -3.04 11.13 28.42
N PRO B 16 -2.25 11.11 29.51
CA PRO B 16 -1.70 9.83 29.98
C PRO B 16 -2.82 8.88 30.39
N GLY B 17 -2.67 7.62 29.98
CA GLY B 17 -3.69 6.61 30.14
C GLY B 17 -4.47 6.32 28.87
N ALA B 18 -4.28 7.13 27.83
CA ALA B 18 -4.94 6.94 26.56
C ALA B 18 -4.10 6.05 25.65
N SER B 19 -4.56 5.86 24.42
CA SER B 19 -3.86 5.08 23.42
C SER B 19 -3.77 5.91 22.14
N VAL B 20 -2.91 5.48 21.21
CA VAL B 20 -2.73 6.20 19.96
C VAL B 20 -2.52 5.21 18.84
N LYS B 21 -3.26 5.40 17.73
CA LYS B 21 -3.06 4.67 16.49
C LYS B 21 -2.45 5.61 15.46
N VAL B 22 -1.36 5.17 14.83
CA VAL B 22 -0.67 5.92 13.79
C VAL B 22 -0.65 5.07 12.53
N SER B 23 -0.95 5.70 11.39
CA SER B 23 -1.04 4.97 10.12
C SER B 23 0.11 5.35 9.20
N CYS B 24 0.36 4.45 8.25
CA CYS B 24 1.46 4.56 7.28
C CYS B 24 0.95 3.97 5.98
N LYS B 25 0.45 4.85 5.09
CA LYS B 25 0.04 4.45 3.75
C LYS B 25 1.26 4.33 2.85
N ALA B 26 1.32 3.28 2.04
CA ALA B 26 2.45 3.02 1.17
C ALA B 26 2.03 3.15 -0.29
N SER B 27 2.80 3.93 -1.05
CA SER B 27 2.64 4.03 -2.49
C SER B 27 3.99 3.83 -3.16
N GLY B 28 3.95 3.37 -4.41
CA GLY B 28 5.12 3.31 -5.26
C GLY B 28 5.74 1.94 -5.42
N TYR B 29 5.34 0.95 -4.64
CA TYR B 29 5.94 -0.37 -4.74
C TYR B 29 4.90 -1.41 -4.34
N THR B 30 5.27 -2.67 -4.49
CA THR B 30 4.44 -3.81 -4.08
C THR B 30 4.55 -3.97 -2.57
N PHE B 31 3.58 -3.39 -1.88
CA PHE B 31 3.42 -3.43 -0.43
C PHE B 31 3.81 -4.73 0.25
N THR B 32 3.38 -5.87 -0.30
CA THR B 32 3.52 -7.13 0.40
C THR B 32 4.94 -7.68 0.39
N GLU B 33 5.86 -7.08 -0.36
CA GLU B 33 7.19 -7.64 -0.55
C GLU B 33 8.24 -7.02 0.37
N TYR B 34 7.84 -6.16 1.30
CA TYR B 34 8.78 -5.42 2.14
C TYR B 34 8.23 -5.31 3.55
N TYR B 35 9.06 -5.67 4.54
CA TYR B 35 8.65 -5.53 5.93
C TYR B 35 8.54 -4.05 6.30
N MET B 36 7.69 -3.74 7.29
CA MET B 36 7.56 -2.37 7.78
C MET B 36 7.93 -2.31 9.25
N HIS B 37 8.90 -1.46 9.60
CA HIS B 37 9.32 -1.26 10.97
C HIS B 37 8.79 0.08 11.48
N TRP B 38 8.85 0.25 12.80
CA TRP B 38 8.55 1.52 13.42
C TRP B 38 9.71 1.93 14.32
N VAL B 39 9.94 3.22 14.38
CA VAL B 39 11.09 3.81 15.07
C VAL B 39 10.64 5.14 15.65
N ARG B 40 10.89 5.38 16.93
CA ARG B 40 10.45 6.64 17.50
C ARG B 40 11.64 7.47 17.95
N GLN B 41 11.36 8.70 18.35
CA GLN B 41 12.42 9.66 18.66
C GLN B 41 11.84 10.68 19.63
N ALA B 42 12.33 10.69 20.84
CA ALA B 42 11.84 11.71 21.75
C ALA B 42 12.50 13.05 21.39
N PRO B 43 11.86 14.17 21.72
CA PRO B 43 12.44 15.46 21.36
C PRO B 43 13.87 15.59 21.86
N GLY B 44 14.76 16.01 20.97
CA GLY B 44 16.15 16.18 21.33
C GLY B 44 16.88 14.90 21.71
N GLN B 45 16.43 13.75 21.21
CA GLN B 45 16.96 12.47 21.65
C GLN B 45 17.24 11.59 20.44
N GLY B 46 17.66 10.34 20.71
CA GLY B 46 18.03 9.41 19.68
C GLY B 46 16.89 8.54 19.21
N LEU B 47 17.22 7.59 18.34
CA LEU B 47 16.24 6.77 17.63
C LEU B 47 16.10 5.42 18.31
N GLU B 48 14.85 5.03 18.59
CA GLU B 48 14.53 3.78 19.28
C GLU B 48 13.64 2.91 18.40
N TRP B 49 14.15 1.75 18.01
CA TRP B 49 13.38 0.80 17.22
C TRP B 49 12.23 0.24 18.04
N MET B 50 11.06 0.11 17.41
CA MET B 50 9.86 -0.36 18.09
C MET B 50 9.43 -1.75 17.68
N GLY B 51 9.76 -2.20 16.46
CA GLY B 51 9.41 -3.52 15.99
C GLY B 51 8.92 -3.52 14.55
N TRP B 52 8.79 -4.71 13.95
CA TRP B 52 8.39 -4.82 12.56
C TRP B 52 7.20 -5.74 12.37
N ILE B 53 6.43 -5.45 11.31
CA ILE B 53 5.35 -6.30 10.80
C ILE B 53 5.73 -6.73 9.40
N ASN B 54 5.54 -8.02 9.11
CA ASN B 54 5.58 -8.53 7.75
C ASN B 54 4.18 -8.46 7.14
N PRO B 55 3.98 -7.74 6.04
CA PRO B 55 2.61 -7.48 5.57
C PRO B 55 2.01 -8.58 4.70
N LYS B 56 2.80 -9.54 4.23
CA LYS B 56 2.21 -10.74 3.63
C LYS B 56 1.40 -11.52 4.66
N SER B 57 1.91 -11.60 5.89
CA SER B 57 1.44 -12.56 6.89
C SER B 57 0.84 -11.94 8.14
N GLY B 58 1.17 -10.69 8.46
CA GLY B 58 0.79 -10.11 9.72
C GLY B 58 1.71 -10.42 10.87
N ASP B 59 2.80 -11.16 10.62
CA ASP B 59 3.71 -11.54 11.68
C ASP B 59 4.45 -10.32 12.21
N THR B 60 4.42 -10.14 13.53
CA THR B 60 5.17 -9.07 14.17
C THR B 60 6.40 -9.63 14.88
N LYS B 61 7.30 -8.72 15.20
CA LYS B 61 8.45 -8.99 16.06
C LYS B 61 8.69 -7.71 16.85
N PHE B 62 8.72 -7.84 18.17
CA PHE B 62 8.90 -6.69 19.05
C PHE B 62 10.05 -6.96 20.03
N PRO B 63 10.70 -5.91 20.52
CA PRO B 63 11.62 -6.07 21.64
C PRO B 63 10.89 -5.88 22.96
N GLN B 64 11.53 -6.37 24.02
CA GLN B 64 10.88 -6.45 25.33
C GLN B 64 10.32 -5.10 25.76
N ARG B 65 10.94 -4.01 25.31
CA ARG B 65 10.52 -2.67 25.72
C ARG B 65 9.09 -2.37 25.33
N PHE B 66 8.56 -3.03 24.30
CA PHE B 66 7.25 -2.71 23.75
C PHE B 66 6.34 -3.92 23.60
N GLN B 67 6.83 -5.13 23.91
CA GLN B 67 5.99 -6.31 24.01
C GLN B 67 4.75 -6.02 24.85
N GLY B 68 3.57 -6.14 24.23
CA GLY B 68 2.33 -5.91 24.91
C GLY B 68 1.93 -4.46 25.08
N ARG B 69 2.83 -3.53 24.76
CA ARG B 69 2.53 -2.10 24.72
C ARG B 69 2.01 -1.68 23.35
N VAL B 70 2.55 -2.28 22.30
CA VAL B 70 2.28 -1.83 20.94
C VAL B 70 1.85 -3.01 20.09
N THR B 71 0.89 -2.75 19.20
CA THR B 71 0.28 -3.73 18.32
C THR B 71 0.40 -3.19 16.89
N LEU B 72 0.96 -4.02 16.00
CA LEU B 72 1.10 -3.66 14.59
C LEU B 72 0.10 -4.45 13.78
N THR B 73 -0.73 -3.75 13.01
CA THR B 73 -1.66 -4.40 12.10
C THR B 73 -1.45 -3.81 10.72
N ARG B 74 -1.99 -4.46 9.69
CA ARG B 74 -1.95 -3.87 8.36
C ARG B 74 -3.23 -4.20 7.61
N ASP B 75 -3.51 -3.39 6.60
CA ASP B 75 -4.64 -3.55 5.71
C ASP B 75 -4.02 -3.61 4.32
N THR B 76 -3.90 -4.83 3.79
CA THR B 76 -3.28 -5.06 2.49
C THR B 76 -4.18 -4.55 1.36
N SER B 77 -5.48 -4.42 1.64
CA SER B 77 -6.41 -3.82 0.70
C SER B 77 -5.90 -2.47 0.21
N ILE B 78 -5.42 -1.65 1.13
CA ILE B 78 -5.07 -0.26 0.86
C ILE B 78 -3.62 0.03 1.20
N SER B 79 -2.78 -1.00 1.26
CA SER B 79 -1.34 -0.85 1.48
C SER B 79 -1.06 0.07 2.67
N THR B 80 -1.66 -0.25 3.82
CA THR B 80 -1.45 0.57 5.00
C THR B 80 -1.04 -0.27 6.21
N VAL B 81 -0.24 0.35 7.08
CA VAL B 81 0.20 -0.26 8.32
C VAL B 81 -0.21 0.64 9.48
N TYR B 82 -0.62 0.02 10.58
CA TYR B 82 -1.06 0.73 11.77
C TYR B 82 -0.20 0.31 12.97
N MET B 83 0.12 1.30 13.80
CA MET B 83 0.87 1.13 15.04
C MET B 83 0.00 1.68 16.17
N GLU B 84 -0.49 0.79 17.03
CA GLU B 84 -1.28 1.20 18.19
C GLU B 84 -0.38 1.07 19.42
N LEU B 85 -0.23 2.15 20.18
CA LEU B 85 0.51 2.15 21.43
C LEU B 85 -0.47 2.45 22.56
N THR B 86 -0.51 1.56 23.54
CA THR B 86 -1.51 1.57 24.59
C THR B 86 -0.89 2.00 25.92
N ARG B 87 -1.71 2.65 26.75
CA ARG B 87 -1.31 3.06 28.09
C ARG B 87 -0.15 4.06 28.02
N LEU B 88 -0.45 5.21 27.43
CA LEU B 88 0.57 6.23 27.18
C LEU B 88 0.96 6.94 28.47
N ARG B 89 2.26 7.20 28.63
CA ARG B 89 2.77 7.99 29.74
C ARG B 89 3.65 9.10 29.16
N SER B 90 4.10 10.02 30.02
CA SER B 90 4.74 11.23 29.53
C SER B 90 6.01 10.95 28.74
N ASP B 91 6.78 9.92 29.11
CA ASP B 91 8.01 9.61 28.37
C ASP B 91 7.73 8.96 27.01
N ASP B 92 6.46 8.86 26.62
CA ASP B 92 6.09 8.38 25.29
C ASP B 92 5.96 9.51 24.28
N THR B 93 5.94 10.75 24.73
CA THR B 93 5.98 11.90 23.84
C THR B 93 7.14 11.77 22.88
N ALA B 94 6.85 11.77 21.58
CA ALA B 94 7.91 11.53 20.61
C ALA B 94 7.34 11.61 19.21
N VAL B 95 8.27 11.57 18.24
CA VAL B 95 7.95 11.52 16.82
C VAL B 95 8.11 10.08 16.39
N TYR B 96 7.04 9.50 15.85
CA TYR B 96 6.99 8.09 15.46
C TYR B 96 7.09 8.00 13.95
N TYR B 97 8.04 7.21 13.47
CA TYR B 97 8.30 7.01 12.06
C TYR B 97 7.96 5.58 11.71
N CYS B 98 7.26 5.37 10.60
CA CYS B 98 7.29 4.09 9.92
C CYS B 98 8.47 4.13 8.96
N ALA B 99 9.16 3.00 8.83
CA ALA B 99 10.30 2.91 7.93
C ALA B 99 10.25 1.56 7.23
N ARG B 100 10.45 1.56 5.91
CA ARG B 100 10.38 0.33 5.17
C ARG B 100 11.71 -0.41 5.25
N GLY B 101 11.64 -1.68 5.64
CA GLY B 101 12.85 -2.47 5.73
C GLY B 101 13.27 -3.01 4.37
N ASN B 102 14.58 -3.06 4.16
CA ASN B 102 15.17 -3.69 3.00
C ASN B 102 15.83 -5.00 3.42
N PHE B 103 15.46 -6.09 2.75
CA PHE B 103 15.85 -7.44 3.16
C PHE B 103 15.47 -7.69 4.63
N ARG B 104 14.17 -7.51 4.88
CA ARG B 104 13.59 -7.53 6.22
C ARG B 104 14.13 -6.36 7.04
N ASP B 105 15.41 -6.41 7.44
CA ASP B 105 15.95 -5.44 8.38
C ASP B 105 17.40 -5.03 8.11
N TYR B 106 17.92 -5.27 6.92
CA TYR B 106 19.31 -4.91 6.61
C TYR B 106 19.50 -3.40 6.69
N TYR B 107 18.59 -2.63 6.11
CA TYR B 107 18.65 -1.18 6.20
C TYR B 107 17.28 -0.59 5.91
N PHE B 108 17.14 0.69 6.24
CA PHE B 108 15.89 1.45 6.10
C PHE B 108 16.08 2.54 5.05
N ALA B 109 16.03 2.16 3.78
CA ALA B 109 16.17 3.14 2.71
C ALA B 109 15.07 4.19 2.74
N SER B 110 13.83 3.76 2.96
CA SER B 110 12.65 4.61 2.78
C SER B 110 11.97 4.84 4.12
N TRP B 111 11.69 6.11 4.43
CA TRP B 111 11.11 6.51 5.69
C TRP B 111 9.86 7.35 5.42
N GLY B 112 8.97 7.38 6.42
CA GLY B 112 7.84 8.28 6.39
C GLY B 112 8.21 9.65 6.92
N GLN B 113 7.20 10.53 6.99
CA GLN B 113 7.43 11.90 7.43
C GLN B 113 7.34 12.07 8.93
N GLY B 114 6.88 11.06 9.66
CA GLY B 114 6.81 11.14 11.10
C GLY B 114 5.52 11.73 11.64
N THR B 115 5.06 11.20 12.78
CA THR B 115 3.86 11.64 13.46
C THR B 115 4.24 12.01 14.89
N LEU B 116 4.01 13.27 15.27
CA LEU B 116 4.31 13.71 16.62
C LEU B 116 3.14 13.34 17.54
N VAL B 117 3.40 12.47 18.50
CA VAL B 117 2.46 12.18 19.58
C VAL B 117 2.95 12.91 20.81
N THR B 118 2.06 13.69 21.44
CA THR B 118 2.42 14.58 22.53
C THR B 118 1.53 14.27 23.72
N VAL B 119 2.08 13.55 24.69
CA VAL B 119 1.35 13.15 25.89
C VAL B 119 1.50 14.24 26.94
N SER B 120 0.36 14.66 27.50
CA SER B 120 0.35 15.65 28.58
C SER B 120 0.98 15.06 29.85
N SER B 121 1.13 15.91 30.86
CA SER B 121 1.62 15.47 32.18
C SER B 121 0.53 15.67 33.24
N ASP B 142 22.49 -7.15 24.67
CA ASP B 142 21.81 -6.09 23.92
C ASP B 142 22.86 -5.12 23.38
N ILE B 143 22.97 -4.99 22.06
CA ILE B 143 24.12 -4.35 21.43
C ILE B 143 24.05 -2.83 21.55
N GLN B 144 25.12 -2.24 22.09
CA GLN B 144 25.23 -0.80 22.31
C GLN B 144 26.03 -0.17 21.18
N MET B 145 25.46 0.86 20.56
CA MET B 145 26.14 1.61 19.51
C MET B 145 26.63 2.93 20.09
N THR B 146 27.89 3.26 19.82
CA THR B 146 28.60 4.33 20.52
C THR B 146 29.30 5.23 19.52
N GLN B 147 28.87 6.49 19.46
CA GLN B 147 29.34 7.46 18.49
C GLN B 147 30.16 8.55 19.15
N SER B 148 31.26 8.93 18.51
CA SER B 148 32.07 10.08 18.91
C SER B 148 32.45 10.88 17.67
N PRO B 149 32.56 12.21 17.78
CA PRO B 149 32.16 13.07 18.92
C PRO B 149 30.65 13.24 19.03
N SER B 150 30.19 13.74 20.18
CA SER B 150 28.77 14.04 20.33
C SER B 150 28.37 15.28 19.55
N SER B 151 29.22 16.31 19.56
CA SER B 151 28.98 17.55 18.84
C SER B 151 30.30 18.03 18.25
N LEU B 152 30.21 18.76 17.13
CA LEU B 152 31.38 19.37 16.53
C LEU B 152 30.97 20.54 15.64
N SER B 153 31.93 21.45 15.42
CA SER B 153 31.75 22.64 14.60
C SER B 153 32.78 22.60 13.48
N ALA B 154 32.39 23.08 12.30
CA ALA B 154 33.33 23.05 11.18
C ALA B 154 32.86 24.01 10.09
N SER B 155 33.42 23.87 8.89
CA SER B 155 33.36 24.87 7.84
C SER B 155 33.29 24.17 6.50
N VAL B 156 32.67 24.83 5.52
CA VAL B 156 32.63 24.29 4.17
C VAL B 156 34.04 23.96 3.71
N GLY B 157 34.20 22.80 3.07
CA GLY B 157 35.48 22.34 2.61
C GLY B 157 36.24 21.47 3.58
N ASP B 158 35.92 21.54 4.88
CA ASP B 158 36.58 20.69 5.85
C ASP B 158 36.28 19.22 5.57
N ARG B 159 37.25 18.36 5.88
CA ARG B 159 37.06 16.92 5.88
C ARG B 159 36.69 16.50 7.30
N VAL B 160 35.60 15.73 7.44
CA VAL B 160 35.12 15.34 8.75
C VAL B 160 35.05 13.82 8.83
N THR B 161 35.50 13.29 9.97
CA THR B 161 35.47 11.87 10.26
C THR B 161 34.69 11.64 11.55
N ILE B 162 33.71 10.73 11.49
CA ILE B 162 32.89 10.34 12.63
C ILE B 162 33.16 8.88 12.91
N THR B 163 33.18 8.52 14.19
CA THR B 163 33.38 7.14 14.61
C THR B 163 32.10 6.55 15.20
N CYS B 164 31.87 5.28 14.93
CA CYS B 164 30.81 4.50 15.55
C CYS B 164 31.42 3.18 16.03
N ARG B 165 30.89 2.67 17.13
CA ARG B 165 31.53 1.55 17.84
C ARG B 165 30.46 0.62 18.37
N ALA B 166 30.58 -0.67 18.03
CA ALA B 166 29.64 -1.68 18.47
C ALA B 166 30.23 -2.47 19.63
N SER B 167 29.37 -2.79 20.60
CA SER B 167 29.78 -3.62 21.73
C SER B 167 29.88 -5.11 21.37
N GLN B 168 29.63 -5.46 20.11
CA GLN B 168 29.75 -6.84 19.65
C GLN B 168 30.18 -6.83 18.19
N ASN B 169 30.77 -7.93 17.74
CA ASN B 169 31.01 -8.07 16.32
C ASN B 169 29.67 -8.07 15.60
N ILE B 170 29.49 -7.12 14.68
CA ILE B 170 28.32 -7.04 13.83
C ILE B 170 28.67 -7.21 12.38
N ASN B 171 29.88 -7.68 12.09
CA ASN B 171 30.34 -7.86 10.71
C ASN B 171 30.14 -6.55 9.97
N ILE B 172 29.44 -6.52 8.84
CA ILE B 172 29.21 -5.29 8.11
C ILE B 172 27.73 -4.93 8.16
N TYR B 173 27.02 -5.35 9.20
CA TYR B 173 25.62 -4.99 9.36
C TYR B 173 25.54 -3.64 10.08
N LEU B 174 26.00 -2.61 9.37
CA LEU B 174 26.01 -1.25 9.90
C LEU B 174 25.60 -0.27 8.82
N ASN B 175 24.74 0.68 9.19
CA ASN B 175 24.26 1.72 8.29
C ASN B 175 24.43 3.08 8.93
N TRP B 176 24.58 4.10 8.08
CA TRP B 176 24.70 5.50 8.48
C TRP B 176 23.56 6.31 7.87
N TYR B 177 22.99 7.19 8.70
CA TYR B 177 21.84 8.04 8.39
C TYR B 177 22.16 9.49 8.71
N GLN B 178 21.66 10.40 7.87
CA GLN B 178 21.70 11.84 8.14
C GLN B 178 20.29 12.30 8.51
N GLN B 179 20.18 13.15 9.52
CA GLN B 179 18.89 13.71 9.93
C GLN B 179 19.04 15.20 10.15
N LYS B 180 18.22 15.97 9.46
CA LYS B 180 18.08 17.41 9.57
C LYS B 180 16.91 17.74 10.49
N PRO B 181 16.91 18.90 11.14
CA PRO B 181 15.82 19.20 12.10
C PRO B 181 14.47 19.14 11.41
N GLY B 182 13.51 18.46 12.05
CA GLY B 182 12.18 18.35 11.49
C GLY B 182 12.05 17.42 10.31
N LYS B 183 13.01 16.51 10.11
CA LYS B 183 13.01 15.64 8.95
C LYS B 183 13.24 14.20 9.39
N ALA B 184 12.79 13.26 8.57
CA ALA B 184 13.09 11.86 8.82
C ALA B 184 14.55 11.57 8.45
N PRO B 185 15.13 10.53 9.04
CA PRO B 185 16.51 10.17 8.69
C PRO B 185 16.65 9.75 7.23
N LYS B 186 17.59 10.37 6.52
CA LYS B 186 18.05 9.85 5.24
C LYS B 186 19.09 8.76 5.47
N LEU B 187 18.97 7.66 4.73
CA LEU B 187 20.04 6.67 4.66
C LEU B 187 21.12 7.16 3.71
N LEU B 188 22.36 7.16 4.18
CA LEU B 188 23.51 7.47 3.35
C LEU B 188 24.35 6.23 3.02
N ILE B 189 24.52 5.32 3.97
CA ILE B 189 25.41 4.18 3.75
C ILE B 189 24.83 2.93 4.38
N TYR B 190 24.95 1.80 3.68
CA TYR B 190 24.53 0.50 4.19
C TYR B 190 25.64 -0.51 3.94
N ALA B 191 25.60 -1.62 4.66
CA ALA B 191 26.63 -2.65 4.58
C ALA B 191 28.01 -2.08 4.88
N ALA B 192 28.07 -1.11 5.79
CA ALA B 192 29.31 -0.53 6.29
C ALA B 192 29.94 0.46 5.31
N SER B 193 29.80 0.19 3.99
CA SER B 193 30.54 0.99 3.02
C SER B 193 29.88 1.07 1.65
N SER B 194 28.59 0.77 1.52
CA SER B 194 27.87 0.94 0.27
C SER B 194 27.19 2.30 0.28
N LEU B 195 27.49 3.11 -0.73
CA LEU B 195 26.89 4.44 -0.87
C LEU B 195 25.50 4.31 -1.48
N GLN B 196 24.49 4.76 -0.74
CA GLN B 196 23.11 4.67 -1.21
C GLN B 196 22.91 5.54 -2.44
N SER B 197 22.10 5.04 -3.37
CA SER B 197 21.88 5.76 -4.62
C SER B 197 21.32 7.15 -4.33
N GLY B 198 21.87 8.16 -5.00
CA GLY B 198 21.44 9.52 -4.81
C GLY B 198 22.19 10.28 -3.75
N VAL B 199 23.31 9.76 -3.26
CA VAL B 199 24.07 10.36 -2.16
C VAL B 199 25.34 10.95 -2.73
N PRO B 200 25.69 12.19 -2.37
CA PRO B 200 26.97 12.76 -2.84
C PRO B 200 28.14 11.83 -2.51
N SER B 201 28.98 11.58 -3.51
CA SER B 201 30.10 10.65 -3.33
C SER B 201 31.18 11.18 -2.40
N THR B 202 31.03 12.40 -1.86
CA THR B 202 31.96 12.86 -0.83
C THR B 202 31.88 11.96 0.40
N PHE B 203 30.74 11.28 0.60
CA PHE B 203 30.54 10.38 1.72
C PHE B 203 31.16 9.01 1.48
N SER B 204 31.77 8.45 2.53
CA SER B 204 32.26 7.07 2.46
C SER B 204 32.16 6.43 3.83
N GLY B 205 32.13 5.10 3.84
CA GLY B 205 32.10 4.35 5.07
C GLY B 205 33.21 3.32 5.12
N SER B 206 33.66 3.03 6.33
CA SER B 206 34.66 1.98 6.50
C SER B 206 34.47 1.27 7.84
N GLY B 207 35.06 0.08 7.92
CA GLY B 207 35.03 -0.71 9.13
C GLY B 207 34.39 -2.07 8.92
N SER B 208 34.76 -3.06 9.73
CA SER B 208 34.11 -4.36 9.68
C SER B 208 34.37 -5.10 10.98
N GLY B 209 33.32 -5.33 11.76
CA GLY B 209 33.44 -6.04 13.01
C GLY B 209 32.88 -5.24 14.17
N THR B 210 33.69 -4.32 14.70
CA THR B 210 33.33 -3.56 15.90
C THR B 210 33.52 -2.06 15.78
N ASP B 211 34.31 -1.57 14.82
CA ASP B 211 34.73 -0.18 14.78
C ASP B 211 34.56 0.35 13.36
N PHE B 212 33.83 1.47 13.23
CA PHE B 212 33.42 1.99 11.94
C PHE B 212 33.64 3.49 11.88
N ALA B 213 33.83 3.99 10.66
CA ALA B 213 34.05 5.42 10.43
C ALA B 213 33.25 5.89 9.23
N LEU B 214 32.56 7.02 9.41
CA LEU B 214 31.93 7.75 8.32
C LEU B 214 32.80 8.95 7.97
N THR B 215 33.09 9.14 6.69
CA THR B 215 34.03 10.15 6.27
C THR B 215 33.44 11.02 5.17
N ILE B 216 33.44 12.33 5.39
CA ILE B 216 33.00 13.32 4.41
C ILE B 216 34.24 14.05 3.91
N SER B 217 34.51 13.92 2.61
CA SER B 217 35.73 14.46 2.03
C SER B 217 35.75 15.99 2.05
N SER B 218 34.62 16.63 1.72
CA SER B 218 34.52 18.07 1.73
C SER B 218 33.12 18.46 2.19
N LEU B 219 33.03 18.98 3.41
CA LEU B 219 31.74 19.40 3.96
C LEU B 219 31.11 20.47 3.06
N GLN B 220 29.91 20.18 2.54
CA GLN B 220 29.18 21.15 1.74
C GLN B 220 28.04 21.74 2.55
N PRO B 221 27.48 22.86 2.10
CA PRO B 221 26.63 23.68 3.00
C PRO B 221 25.44 22.95 3.60
N GLU B 222 25.01 21.83 3.03
CA GLU B 222 23.82 21.13 3.50
C GLU B 222 24.17 19.75 4.07
N ASP B 223 25.43 19.55 4.46
CA ASP B 223 25.85 18.41 5.25
C ASP B 223 25.77 18.69 6.74
N PHE B 224 25.24 19.86 7.13
CA PHE B 224 25.14 20.22 8.55
C PHE B 224 23.88 19.59 9.13
N ALA B 225 24.06 18.59 9.98
CA ALA B 225 22.96 17.74 10.40
C ALA B 225 23.47 16.85 11.53
N THR B 226 22.58 16.04 12.10
CA THR B 226 23.00 15.02 13.03
C THR B 226 23.12 13.70 12.28
N TYR B 227 24.19 12.95 12.55
CA TYR B 227 24.49 11.69 11.89
C TYR B 227 24.36 10.55 12.88
N TYR B 228 23.69 9.48 12.46
CA TYR B 228 23.45 8.31 13.30
C TYR B 228 24.01 7.07 12.64
N CYS B 229 24.60 6.19 13.44
CA CYS B 229 24.89 4.84 12.98
C CYS B 229 23.85 3.89 13.57
N GLN B 230 23.69 2.74 12.92
CA GLN B 230 22.64 1.80 13.30
C GLN B 230 23.09 0.40 12.91
N GLN B 231 22.98 -0.53 13.85
CA GLN B 231 23.32 -1.92 13.61
C GLN B 231 22.07 -2.69 13.21
N SER B 232 22.24 -3.60 12.25
CA SER B 232 21.18 -4.49 11.80
C SER B 232 21.55 -5.95 12.01
N TYR B 233 22.60 -6.22 12.80
CA TYR B 233 23.09 -7.58 12.97
C TYR B 233 22.08 -8.47 13.69
N SER B 234 21.55 -8.00 14.82
CA SER B 234 20.70 -8.83 15.66
C SER B 234 19.69 -7.95 16.36
N SER B 235 18.57 -8.56 16.75
CA SER B 235 17.49 -7.85 17.42
C SER B 235 17.81 -7.66 18.90
N PRO B 236 17.31 -6.57 19.51
CA PRO B 236 16.73 -5.37 18.91
C PRO B 236 17.70 -4.55 18.08
N LEU B 237 17.17 -3.84 17.09
CA LEU B 237 17.97 -2.92 16.30
C LEU B 237 18.20 -1.65 17.11
N THR B 238 19.46 -1.23 17.20
CA THR B 238 19.84 -0.10 18.04
C THR B 238 20.62 0.92 17.23
N PHE B 239 20.54 2.17 17.69
CA PHE B 239 21.21 3.30 17.07
C PHE B 239 22.26 3.86 18.02
N GLY B 240 23.37 4.32 17.44
CA GLY B 240 24.25 5.25 18.13
C GLY B 240 23.46 6.47 18.55
N GLY B 241 23.98 7.25 19.48
CA GLY B 241 23.24 8.35 20.06
C GLY B 241 23.35 9.68 19.36
N GLY B 242 24.16 9.78 18.30
CA GLY B 242 24.12 10.95 17.44
C GLY B 242 25.36 11.83 17.45
N THR B 243 25.96 12.01 16.27
CA THR B 243 27.08 12.93 16.06
C THR B 243 26.53 14.18 15.36
N LYS B 244 26.39 15.26 16.11
CA LYS B 244 25.83 16.50 15.58
C LYS B 244 26.93 17.33 14.91
N VAL B 245 26.66 17.80 13.69
CA VAL B 245 27.64 18.48 12.86
C VAL B 245 27.09 19.87 12.55
N GLU B 246 27.69 20.88 13.20
CA GLU B 246 27.26 22.27 13.22
C GLU B 246 28.12 23.14 12.31
N ILE B 247 27.67 24.38 12.13
CA ILE B 247 28.47 25.46 11.56
C ILE B 247 29.07 26.26 12.70
N LYS B 248 30.30 26.74 12.51
CA LYS B 248 30.95 27.58 13.51
C LYS B 248 30.01 28.70 13.98
N LEU C 16 -18.91 34.85 12.04
CA LEU C 16 -17.97 35.94 11.81
C LEU C 16 -16.96 35.56 10.72
N ASP C 17 -17.03 34.34 10.22
CA ASP C 17 -16.25 33.81 9.10
C ASP C 17 -14.94 33.19 9.57
N LYS C 18 -14.69 33.11 10.88
CA LYS C 18 -13.41 32.64 11.39
C LYS C 18 -13.32 31.11 11.35
N ILE C 19 -12.13 30.60 11.04
CA ILE C 19 -11.85 29.17 11.13
C ILE C 19 -11.11 28.89 12.43
N ASP C 20 -11.51 27.83 13.12
CA ASP C 20 -10.83 27.34 14.32
C ASP C 20 -9.77 26.32 13.87
N LEU C 21 -8.54 26.78 13.70
CA LEU C 21 -7.48 25.92 13.19
C LEU C 21 -7.20 24.73 14.08
N SER C 22 -7.61 24.78 15.34
CA SER C 22 -7.29 23.71 16.30
C SER C 22 -8.34 22.61 16.32
N TYR C 23 -9.52 22.83 15.75
CA TYR C 23 -10.59 21.84 15.79
C TYR C 23 -10.26 20.61 14.95
N GLU C 24 -10.72 19.44 15.42
CA GLU C 24 -10.44 18.16 14.79
C GLU C 24 -11.61 17.23 15.09
N THR C 25 -11.99 16.41 14.11
CA THR C 25 -13.02 15.40 14.34
C THR C 25 -12.82 14.25 13.34
N THR C 26 -13.84 13.41 13.23
CA THR C 26 -13.78 12.24 12.36
C THR C 26 -15.18 11.96 11.82
N GLU C 27 -15.23 11.26 10.69
CA GLU C 27 -16.52 10.85 10.13
C GLU C 27 -17.32 10.06 11.15
N SER C 28 -16.68 9.13 11.87
CA SER C 28 -17.41 8.33 12.86
C SER C 28 -17.76 9.13 14.11
N GLY C 29 -17.01 10.18 14.41
CA GLY C 29 -17.22 10.87 15.67
C GLY C 29 -16.93 9.92 16.83
N ASP C 30 -17.92 9.72 17.69
CA ASP C 30 -17.81 8.82 18.82
C ASP C 30 -18.67 7.56 18.65
N THR C 31 -19.24 7.35 17.46
CA THR C 31 -20.22 6.30 17.30
C THR C 31 -19.59 4.91 17.30
N ALA C 32 -18.31 4.79 16.98
CA ALA C 32 -17.65 3.49 16.86
C ALA C 32 -18.29 2.64 15.76
N VAL C 33 -18.85 3.29 14.74
CA VAL C 33 -19.30 2.64 13.52
C VAL C 33 -18.21 2.82 12.47
N SER C 34 -17.87 1.75 11.76
CA SER C 34 -16.85 1.85 10.72
C SER C 34 -17.52 2.24 9.40
N GLU C 35 -16.74 2.87 8.52
CA GLU C 35 -17.33 3.48 7.33
C GLU C 35 -18.05 2.45 6.47
N ASP C 36 -17.58 1.20 6.48
CA ASP C 36 -18.22 0.17 5.66
C ASP C 36 -19.60 -0.23 6.18
N SER C 37 -19.97 0.18 7.40
CA SER C 37 -21.29 -0.10 7.94
C SER C 37 -22.21 1.12 7.92
N TYR C 38 -21.73 2.27 7.45
CA TYR C 38 -22.60 3.44 7.34
C TYR C 38 -23.79 3.12 6.43
N ASP C 39 -24.94 3.73 6.76
CA ASP C 39 -26.09 3.75 5.86
C ASP C 39 -25.90 4.91 4.88
N LYS C 40 -25.23 4.62 3.77
CA LYS C 40 -24.90 5.61 2.75
C LYS C 40 -26.05 5.76 1.77
N TYR C 41 -26.27 6.99 1.30
CA TYR C 41 -27.33 7.23 0.32
C TYR C 41 -27.10 8.53 -0.44
N ALA C 42 -27.46 8.51 -1.73
CA ALA C 42 -27.32 9.69 -2.58
C ALA C 42 -28.22 10.83 -2.12
N SER C 43 -27.80 12.05 -2.44
CA SER C 43 -28.66 13.21 -2.31
C SER C 43 -29.86 13.08 -3.24
N GLN C 44 -30.89 13.88 -2.97
CA GLN C 44 -32.09 13.93 -3.80
C GLN C 44 -31.93 15.12 -4.74
N ASN C 45 -31.81 14.83 -6.03
CA ASN C 45 -31.32 15.78 -7.03
C ASN C 45 -32.46 16.19 -7.95
N THR C 46 -33.01 17.38 -7.70
CA THR C 46 -34.20 17.86 -8.40
C THR C 46 -33.80 19.07 -9.24
N ASN C 47 -33.85 18.91 -10.56
CA ASN C 47 -33.36 19.93 -11.48
C ASN C 47 -31.91 20.29 -11.15
N LYS C 48 -31.70 21.46 -10.56
CA LYS C 48 -30.37 21.91 -10.17
C LYS C 48 -30.33 22.27 -8.69
N GLU C 49 -31.01 21.45 -7.87
CA GLU C 49 -30.91 21.53 -6.41
C GLU C 49 -30.67 20.13 -5.88
N TYR C 50 -29.56 19.92 -5.19
CA TYR C 50 -29.23 18.65 -4.56
C TYR C 50 -29.47 18.78 -3.06
N VAL C 51 -30.27 17.88 -2.50
CA VAL C 51 -30.78 18.02 -1.14
C VAL C 51 -30.36 16.84 -0.28
N CYS C 52 -29.93 17.13 0.94
CA CYS C 52 -29.82 16.16 2.03
C CYS C 52 -30.73 16.64 3.15
N ASP C 53 -31.83 15.92 3.40
CA ASP C 53 -32.76 16.24 4.47
C ASP C 53 -32.60 15.18 5.57
N PHE C 54 -32.20 15.63 6.76
CA PHE C 54 -31.95 14.75 7.90
C PHE C 54 -33.12 14.69 8.87
N THR C 55 -34.27 15.27 8.52
CA THR C 55 -35.41 15.30 9.43
C THR C 55 -35.67 13.92 10.03
N ASP C 56 -35.90 12.93 9.17
CA ASP C 56 -36.31 11.61 9.63
C ASP C 56 -35.13 10.73 10.03
N GLN C 57 -33.98 10.89 9.36
CA GLN C 57 -32.90 9.93 9.44
C GLN C 57 -32.23 9.87 10.80
N LEU C 58 -32.36 10.90 11.65
CA LEU C 58 -31.59 10.97 12.89
C LEU C 58 -32.39 10.69 14.14
N LYS C 59 -33.68 10.40 14.03
CA LYS C 59 -34.48 10.14 15.22
C LYS C 59 -33.94 8.92 15.95
N PRO C 60 -33.95 8.93 17.29
CA PRO C 60 -33.42 7.78 18.04
C PRO C 60 -34.16 6.48 17.73
N THR C 61 -33.38 5.39 17.67
CA THR C 61 -33.92 4.05 17.52
C THR C 61 -33.18 3.08 18.44
N GLU C 62 -33.75 1.88 18.58
CA GLU C 62 -33.15 0.86 19.45
C GLU C 62 -31.79 0.41 18.96
N SER C 63 -31.58 0.40 17.65
CA SER C 63 -30.34 -0.11 17.06
C SER C 63 -29.23 0.94 17.00
N GLY C 64 -29.51 2.16 17.47
CA GLY C 64 -28.55 3.24 17.39
C GLY C 64 -27.39 3.06 18.35
N PRO C 65 -26.30 3.81 18.14
CA PRO C 65 -26.21 4.88 17.13
C PRO C 65 -25.80 4.41 15.75
N LYS C 66 -26.52 4.82 14.71
CA LYS C 66 -26.11 4.56 13.35
C LYS C 66 -25.61 5.83 12.68
N VAL C 67 -24.81 5.64 11.63
CA VAL C 67 -24.28 6.73 10.83
C VAL C 67 -25.05 6.79 9.52
N LYS C 68 -25.69 7.92 9.26
CA LYS C 68 -26.36 8.19 7.99
C LYS C 68 -25.47 9.10 7.16
N LYS C 69 -25.05 8.64 5.98
CA LYS C 69 -24.12 9.40 5.15
C LYS C 69 -24.80 9.78 3.83
N CYS C 70 -25.18 11.05 3.71
CA CYS C 70 -25.80 11.57 2.49
C CYS C 70 -24.73 12.16 1.59
N GLU C 71 -24.58 11.56 0.40
CA GLU C 71 -23.48 11.87 -0.51
C GLU C 71 -23.96 12.76 -1.66
N VAL C 72 -23.36 13.94 -1.78
CA VAL C 72 -23.71 14.93 -2.78
C VAL C 72 -22.58 14.99 -3.79
N LYS C 73 -22.86 14.58 -5.04
CA LYS C 73 -21.86 14.50 -6.08
C LYS C 73 -22.21 15.45 -7.22
N VAL C 74 -21.27 16.34 -7.56
CA VAL C 74 -21.52 17.42 -8.50
C VAL C 74 -20.45 17.42 -9.58
N ASN C 75 -20.87 17.39 -10.84
CA ASN C 75 -19.96 17.56 -11.97
C ASN C 75 -20.65 18.30 -13.10
N GLU C 76 -21.51 19.26 -12.75
CA GLU C 76 -22.26 20.07 -13.69
C GLU C 76 -22.48 21.44 -13.05
N PRO C 77 -22.73 22.47 -13.84
CA PRO C 77 -22.56 23.84 -13.33
C PRO C 77 -23.75 24.37 -12.52
N LEU C 78 -23.41 25.28 -11.59
CA LEU C 78 -24.38 26.13 -10.91
C LEU C 78 -25.42 25.31 -10.14
N ILE C 79 -24.96 24.26 -9.49
CA ILE C 79 -25.81 23.43 -8.64
C ILE C 79 -25.99 24.11 -7.29
N LYS C 80 -27.21 24.02 -6.75
CA LYS C 80 -27.51 24.45 -5.39
C LYS C 80 -27.52 23.23 -4.48
N VAL C 81 -26.83 23.32 -3.35
CA VAL C 81 -26.81 22.28 -2.34
C VAL C 81 -27.52 22.81 -1.10
N LYS C 82 -28.48 22.03 -0.59
CA LYS C 82 -29.28 22.39 0.57
C LYS C 82 -29.18 21.26 1.59
N ILE C 83 -28.85 21.61 2.83
CA ILE C 83 -28.72 20.65 3.92
C ILE C 83 -29.64 21.07 5.04
N ILE C 84 -30.53 20.15 5.46
CA ILE C 84 -31.52 20.40 6.49
C ILE C 84 -31.16 19.53 7.70
N CYS C 85 -30.98 20.17 8.85
CA CYS C 85 -30.58 19.49 10.09
C CYS C 85 -31.55 19.90 11.20
N PRO C 86 -32.33 18.97 11.74
CA PRO C 86 -33.41 19.36 12.66
C PRO C 86 -32.88 20.01 13.94
N LEU C 87 -33.58 21.06 14.38
CA LEU C 87 -33.14 21.85 15.52
C LEU C 87 -33.49 21.17 16.84
N LYS C 88 -32.63 21.41 17.84
CA LYS C 88 -32.94 21.04 19.21
C LYS C 88 -34.30 21.62 19.62
N GLY C 89 -35.19 20.76 20.09
CA GLY C 89 -36.49 21.17 20.55
C GLY C 89 -37.52 21.40 19.47
N SER C 90 -37.16 21.31 18.19
CA SER C 90 -38.17 21.38 17.15
C SER C 90 -39.24 20.31 17.35
N VAL C 91 -38.84 19.15 17.86
CA VAL C 91 -39.76 18.17 18.44
C VAL C 91 -39.15 17.72 19.77
N GLU C 92 -39.99 17.63 20.80
CA GLU C 92 -39.50 17.28 22.13
C GLU C 92 -38.80 15.93 22.12
N LYS C 93 -37.75 15.82 22.95
CA LYS C 93 -37.03 14.59 23.20
C LYS C 93 -36.12 14.15 22.05
N LEU C 94 -36.62 14.24 20.81
CA LEU C 94 -35.96 13.56 19.70
C LEU C 94 -34.55 14.12 19.44
N TYR C 95 -34.38 15.44 19.54
CA TYR C 95 -33.13 16.08 19.13
C TYR C 95 -32.50 16.88 20.27
N ASP C 96 -32.64 16.42 21.51
CA ASP C 96 -32.24 17.22 22.66
C ASP C 96 -30.74 17.51 22.68
N ASN C 97 -29.91 16.59 22.18
CA ASN C 97 -28.46 16.72 22.28
C ASN C 97 -27.77 16.92 20.94
N ILE C 98 -28.53 17.37 19.92
CA ILE C 98 -27.97 17.45 18.57
C ILE C 98 -26.89 18.52 18.51
N GLU C 99 -25.81 18.21 17.78
CA GLU C 99 -24.73 19.16 17.51
C GLU C 99 -24.44 19.18 16.03
N TYR C 100 -24.19 20.36 15.46
CA TYR C 100 -23.79 20.48 14.07
C TYR C 100 -22.38 21.06 13.98
N VAL C 101 -21.63 20.57 12.99
CA VAL C 101 -20.24 20.96 12.78
C VAL C 101 -20.02 21.18 11.28
N PRO C 102 -19.27 22.21 10.87
CA PRO C 102 -18.86 23.38 11.68
C PRO C 102 -20.05 24.25 12.06
N LYS C 103 -19.94 24.96 13.19
CA LYS C 103 -20.99 25.90 13.56
C LYS C 103 -21.30 26.86 12.42
N LYS C 104 -20.27 27.36 11.76
CA LYS C 104 -20.38 28.44 10.79
C LYS C 104 -20.63 27.94 9.38
N SER C 105 -21.16 26.73 9.23
CA SER C 105 -21.56 26.25 7.92
C SER C 105 -22.63 27.19 7.34
N PRO C 106 -22.64 27.41 6.02
CA PRO C 106 -21.81 26.77 4.99
C PRO C 106 -20.50 27.51 4.68
N TYR C 107 -20.30 28.69 5.28
CA TYR C 107 -19.06 29.42 5.06
C TYR C 107 -17.85 28.54 5.41
N VAL C 108 -17.94 27.80 6.51
CA VAL C 108 -16.87 26.92 6.97
C VAL C 108 -17.32 25.48 6.79
N VAL C 109 -16.42 24.65 6.27
CA VAL C 109 -16.69 23.23 6.05
C VAL C 109 -15.54 22.43 6.67
N LEU C 110 -15.62 21.11 6.54
CA LEU C 110 -14.57 20.21 6.97
C LEU C 110 -13.96 19.51 5.76
N THR C 111 -12.65 19.29 5.80
CA THR C 111 -11.96 18.53 4.77
C THR C 111 -11.03 17.55 5.44
N LYS C 112 -10.64 16.52 4.69
CA LYS C 112 -9.77 15.48 5.21
C LYS C 112 -8.32 15.92 5.05
N GLU C 113 -7.65 16.14 6.19
CA GLU C 113 -6.21 16.39 6.23
C GLU C 113 -5.58 15.30 7.08
N GLU C 114 -4.65 14.56 6.48
CA GLU C 114 -3.95 13.45 7.13
C GLU C 114 -4.90 12.61 7.98
N THR C 115 -5.99 12.16 7.35
CA THR C 115 -6.99 11.23 7.86
C THR C 115 -7.92 11.82 8.92
N LYS C 116 -7.84 13.12 9.22
CA LYS C 116 -8.69 13.74 10.21
C LYS C 116 -9.47 14.87 9.56
N LEU C 117 -10.67 15.16 10.06
CA LEU C 117 -11.48 16.24 9.50
C LEU C 117 -11.14 17.55 10.19
N LYS C 118 -10.82 18.57 9.39
CA LYS C 118 -10.44 19.88 9.91
C LYS C 118 -11.15 20.99 9.15
N GLU C 119 -11.36 22.11 9.84
CA GLU C 119 -12.13 23.22 9.29
C GLU C 119 -11.36 23.93 8.17
N LYS C 120 -12.13 24.50 7.24
CA LYS C 120 -11.60 25.14 6.05
C LYS C 120 -12.63 26.13 5.54
N LEU C 121 -12.17 27.24 4.96
CA LEU C 121 -13.06 28.19 4.30
C LEU C 121 -13.50 27.64 2.96
N LEU C 122 -14.81 27.63 2.70
CA LEU C 122 -15.31 27.08 1.45
C LEU C 122 -14.94 27.97 0.26
N SER C 123 -14.95 29.30 0.46
CA SER C 123 -14.61 30.20 -0.63
C SER C 123 -13.15 30.06 -1.07
N LYS C 124 -12.27 29.68 -0.13
CA LYS C 124 -10.88 29.43 -0.50
C LYS C 124 -10.72 28.10 -1.21
N LEU C 125 -11.68 27.19 -1.05
CA LEU C 125 -11.62 25.84 -1.59
C LEU C 125 -12.20 25.75 -3.00
N ILE C 126 -13.20 26.57 -3.30
CA ILE C 126 -13.85 26.59 -4.61
C ILE C 126 -14.01 28.06 -5.00
N TYR C 127 -13.24 28.50 -6.00
CA TYR C 127 -13.25 29.90 -6.40
C TYR C 127 -14.54 30.23 -7.14
N GLY C 128 -15.16 31.36 -6.79
CA GLY C 128 -16.41 31.77 -7.40
C GLY C 128 -17.65 31.23 -6.74
N LEU C 129 -17.57 30.84 -5.47
CA LEU C 129 -18.70 30.28 -4.74
C LEU C 129 -19.67 31.38 -4.33
N LEU C 130 -20.97 31.15 -4.55
CA LEU C 130 -22.03 32.03 -4.08
C LEU C 130 -22.60 31.49 -2.78
N ILE C 131 -22.56 32.30 -1.73
CA ILE C 131 -23.29 32.03 -0.49
C ILE C 131 -24.24 33.20 -0.23
N SER C 132 -25.53 32.96 -0.42
CA SER C 132 -26.53 33.98 -0.08
C SER C 132 -26.59 34.14 1.43
N PRO C 133 -26.47 35.37 1.96
CA PRO C 133 -26.52 35.52 3.43
C PRO C 133 -27.80 34.99 4.05
N THR C 134 -28.90 35.00 3.30
CA THR C 134 -30.22 34.66 3.83
C THR C 134 -30.86 33.54 3.02
N VAL C 135 -31.46 32.59 3.72
CA VAL C 135 -32.25 31.52 3.13
C VAL C 135 -33.70 31.76 3.54
N ASN C 136 -34.52 32.21 2.61
CA ASN C 136 -35.93 32.50 2.89
C ASN C 136 -36.05 33.45 4.07
N GLU C 137 -35.33 34.57 3.98
CA GLU C 137 -35.34 35.66 4.95
C GLU C 137 -34.75 35.31 6.30
N LYS C 138 -34.11 34.14 6.44
CA LYS C 138 -33.44 33.76 7.67
C LYS C 138 -31.94 33.58 7.44
N GLU C 139 -31.18 33.66 8.54
CA GLU C 139 -29.73 33.52 8.49
C GLU C 139 -29.34 32.19 7.88
N ASN C 140 -28.39 32.22 6.94
CA ASN C 140 -27.86 31.01 6.30
C ASN C 140 -26.87 30.36 7.26
N ASN C 141 -27.42 29.58 8.19
CA ASN C 141 -26.64 29.00 9.27
C ASN C 141 -27.48 27.88 9.89
N PHE C 142 -26.80 26.88 10.45
CA PHE C 142 -27.50 25.73 11.02
C PHE C 142 -28.37 26.10 12.22
N LYS C 143 -28.09 27.24 12.87
CA LYS C 143 -28.97 27.67 13.96
C LYS C 143 -30.40 27.90 13.49
N GLU C 144 -30.61 28.08 12.18
CA GLU C 144 -31.95 28.22 11.62
C GLU C 144 -32.46 26.94 10.97
N GLY C 145 -31.71 25.84 11.04
CA GLY C 145 -32.20 24.54 10.61
C GLY C 145 -31.91 24.16 9.17
N VAL C 146 -31.26 25.03 8.39
CA VAL C 146 -30.98 24.73 6.99
C VAL C 146 -29.84 25.62 6.53
N ILE C 147 -29.01 25.07 5.63
CA ILE C 147 -27.99 25.85 4.94
C ILE C 147 -28.09 25.58 3.45
N GLU C 148 -27.66 26.57 2.66
CA GLU C 148 -27.61 26.45 1.21
C GLU C 148 -26.33 27.09 0.69
N PHE C 149 -25.85 26.57 -0.44
CA PHE C 149 -24.87 27.28 -1.23
C PHE C 149 -25.03 26.91 -2.70
N THR C 150 -24.41 27.69 -3.57
CA THR C 150 -24.47 27.46 -5.00
C THR C 150 -23.05 27.39 -5.56
N LEU C 151 -22.74 26.29 -6.25
CA LEU C 151 -21.43 26.08 -6.82
C LEU C 151 -21.25 26.90 -8.10
N PRO C 152 -20.01 27.19 -8.48
CA PRO C 152 -19.75 28.13 -9.57
C PRO C 152 -19.99 27.51 -10.94
N PRO C 153 -19.93 28.30 -12.00
CA PRO C 153 -20.11 27.74 -13.35
C PRO C 153 -18.95 26.85 -13.80
N VAL C 154 -17.77 26.98 -13.21
CA VAL C 154 -16.60 26.19 -13.57
C VAL C 154 -15.83 25.83 -12.31
N VAL C 155 -15.38 24.58 -12.25
CA VAL C 155 -14.54 24.08 -11.17
C VAL C 155 -13.39 23.30 -11.80
N HIS C 156 -12.16 23.63 -11.42
CA HIS C 156 -10.98 23.05 -12.03
C HIS C 156 -10.35 21.94 -11.21
N LYS C 157 -10.62 21.90 -9.91
CA LYS C 157 -10.00 20.97 -8.98
C LYS C 157 -11.07 20.14 -8.28
N ALA C 158 -10.87 18.82 -8.27
CA ALA C 158 -11.68 17.93 -7.45
C ALA C 158 -11.55 18.31 -5.97
N THR C 159 -12.66 18.19 -5.25
CA THR C 159 -12.80 18.77 -3.91
C THR C 159 -13.82 17.94 -3.14
N VAL C 160 -13.48 17.62 -1.89
CA VAL C 160 -14.35 16.81 -1.04
C VAL C 160 -14.44 17.47 0.33
N PHE C 161 -15.64 17.87 0.74
CA PHE C 161 -15.82 18.52 2.03
C PHE C 161 -17.08 18.01 2.70
N TYR C 162 -17.17 18.26 4.01
CA TYR C 162 -18.11 17.56 4.87
C TYR C 162 -18.90 18.50 5.76
N PHE C 163 -20.12 18.04 6.10
CA PHE C 163 -20.91 18.62 7.19
C PHE C 163 -21.31 17.50 8.14
N ILE C 164 -21.40 17.82 9.44
CA ILE C 164 -21.79 16.87 10.46
C ILE C 164 -23.06 17.38 11.14
N CYS C 165 -24.09 16.54 11.20
CA CYS C 165 -25.34 16.80 11.93
C CYS C 165 -25.54 15.60 12.86
N ASP C 166 -24.96 15.66 14.06
CA ASP C 166 -24.82 14.50 14.94
C ASP C 166 -25.87 14.54 16.03
N ASN C 167 -26.80 13.58 15.98
CA ASN C 167 -27.80 13.37 17.02
C ASN C 167 -27.49 12.15 17.88
N SER C 168 -26.23 11.68 17.87
CA SER C 168 -25.86 10.43 18.51
C SER C 168 -25.66 10.54 20.01
N LYS C 169 -25.79 11.73 20.59
CA LYS C 169 -25.72 11.90 22.04
C LYS C 169 -27.09 12.06 22.69
N THR C 170 -28.16 11.96 21.90
CA THR C 170 -29.53 11.99 22.41
C THR C 170 -29.99 10.56 22.72
N GLU C 171 -30.48 10.35 23.94
CA GLU C 171 -30.98 9.05 24.35
C GLU C 171 -32.39 9.18 24.91
N ASP C 172 -33.29 8.32 24.44
CA ASP C 172 -34.66 8.20 24.94
C ASP C 172 -34.86 6.75 25.37
N ASP C 173 -34.54 6.45 26.64
CA ASP C 173 -34.55 5.09 27.19
C ASP C 173 -33.49 4.30 26.44
N ASN C 174 -33.81 3.13 25.88
CA ASN C 174 -32.88 2.31 25.11
C ASN C 174 -32.81 2.71 23.64
N LYS C 175 -33.36 3.86 23.27
CA LYS C 175 -33.26 4.40 21.92
C LYS C 175 -32.11 5.39 21.87
N LYS C 176 -31.44 5.47 20.73
CA LYS C 176 -30.30 6.36 20.58
C LYS C 176 -30.26 6.93 19.17
N GLY C 177 -30.01 8.24 19.09
CA GLY C 177 -30.02 8.95 17.82
C GLY C 177 -28.81 8.64 16.96
N ASN C 178 -28.86 9.16 15.73
CA ASN C 178 -27.87 8.85 14.70
C ASN C 178 -27.01 10.06 14.40
N ARG C 179 -25.82 9.77 13.86
CA ARG C 179 -24.87 10.77 13.38
C ARG C 179 -25.03 10.90 11.87
N GLY C 180 -25.38 12.11 11.40
CA GLY C 180 -25.52 12.36 9.97
C GLY C 180 -24.28 13.01 9.41
N ILE C 181 -23.83 12.49 8.27
CA ILE C 181 -22.73 13.07 7.51
C ILE C 181 -23.27 13.53 6.16
N VAL C 182 -22.80 14.69 5.71
CA VAL C 182 -22.92 15.11 4.32
C VAL C 182 -21.52 15.12 3.73
N GLU C 183 -21.32 14.34 2.66
CA GLU C 183 -20.09 14.35 1.88
C GLU C 183 -20.40 14.98 0.53
N VAL C 184 -19.91 16.20 0.31
CA VAL C 184 -20.05 16.89 -0.97
C VAL C 184 -18.76 16.68 -1.75
N TYR C 185 -18.88 16.09 -2.94
CA TYR C 185 -17.76 15.72 -3.80
C TYR C 185 -17.93 16.46 -5.13
N VAL C 186 -17.25 17.59 -5.27
CA VAL C 186 -17.28 18.36 -6.51
C VAL C 186 -16.13 17.88 -7.39
N GLU C 187 -16.45 17.51 -8.64
CA GLU C 187 -15.44 17.19 -9.63
C GLU C 187 -15.31 18.31 -10.66
N PRO C 188 -14.20 18.32 -11.41
CA PRO C 188 -14.03 19.33 -12.44
C PRO C 188 -15.19 19.35 -13.44
N TYR C 189 -15.56 20.55 -13.85
CA TYR C 189 -16.54 20.77 -14.91
C TYR C 189 -16.33 22.18 -15.42
N GLY C 190 -17.02 22.51 -16.51
CA GLY C 190 -16.98 23.85 -17.06
C GLY C 190 -16.13 24.04 -18.29
N ASN C 191 -16.05 23.04 -19.16
CA ASN C 191 -15.16 23.07 -20.30
C ASN C 191 -15.91 23.15 -21.63
N GLN D 3 -13.28 14.32 -26.20
CA GLN D 3 -11.81 14.33 -26.42
C GLN D 3 -11.04 13.97 -25.14
N VAL D 4 -11.72 13.34 -24.19
CA VAL D 4 -11.03 12.60 -23.14
C VAL D 4 -10.59 11.29 -23.77
N GLN D 5 -9.35 10.91 -23.57
CA GLN D 5 -8.82 9.71 -24.21
C GLN D 5 -7.89 8.99 -23.26
N LEU D 6 -7.90 7.66 -23.37
CA LEU D 6 -7.09 6.77 -22.56
C LEU D 6 -6.55 5.69 -23.49
N VAL D 7 -5.25 5.74 -23.76
CA VAL D 7 -4.62 4.90 -24.77
C VAL D 7 -3.73 3.90 -24.03
N GLN D 8 -3.85 2.62 -24.39
CA GLN D 8 -3.22 1.56 -23.62
C GLN D 8 -2.17 0.84 -24.45
N SER D 9 -1.28 0.15 -23.74
CA SER D 9 -0.21 -0.59 -24.37
C SER D 9 -0.78 -1.71 -25.24
N GLY D 10 0.06 -2.21 -26.14
CA GLY D 10 -0.34 -3.22 -27.11
C GLY D 10 -0.52 -4.58 -26.49
N ALA D 11 -0.87 -5.54 -27.36
CA ALA D 11 -1.19 -6.89 -26.93
C ALA D 11 0.06 -7.64 -26.50
N GLU D 12 -0.10 -8.48 -25.46
CA GLU D 12 1.02 -9.23 -24.89
C GLU D 12 0.72 -10.72 -24.90
N VAL D 13 1.76 -11.52 -25.16
CA VAL D 13 1.68 -12.97 -25.19
C VAL D 13 2.72 -13.49 -24.19
N LYS D 14 2.26 -14.24 -23.19
CA LYS D 14 3.09 -14.56 -22.04
C LYS D 14 3.08 -16.05 -21.72
N LYS D 15 4.20 -16.52 -21.20
CA LYS D 15 4.37 -17.85 -20.64
C LYS D 15 3.84 -17.86 -19.21
N PRO D 16 3.28 -18.97 -18.74
CA PRO D 16 2.87 -19.02 -17.32
C PRO D 16 4.09 -18.85 -16.41
N GLY D 17 3.93 -18.04 -15.37
CA GLY D 17 5.02 -17.70 -14.49
C GLY D 17 5.64 -16.36 -14.76
N ALA D 18 5.26 -15.70 -15.85
CA ALA D 18 5.79 -14.39 -16.20
C ALA D 18 4.95 -13.31 -15.55
N SER D 19 5.28 -12.05 -15.86
CA SER D 19 4.55 -10.89 -15.37
C SER D 19 4.23 -9.99 -16.56
N VAL D 20 3.31 -9.06 -16.35
CA VAL D 20 2.90 -8.16 -17.43
C VAL D 20 2.67 -6.77 -16.87
N LYS D 21 3.24 -5.76 -17.55
CA LYS D 21 2.96 -4.36 -17.26
C LYS D 21 2.12 -3.80 -18.40
N VAL D 22 1.00 -3.15 -18.06
CA VAL D 22 0.09 -2.53 -19.01
C VAL D 22 -0.02 -1.06 -18.66
N SER D 23 0.07 -0.19 -19.67
CA SER D 23 0.05 1.24 -19.43
C SER D 23 -1.24 1.86 -19.96
N CYS D 24 -1.54 3.04 -19.43
CA CYS D 24 -2.75 3.80 -19.76
C CYS D 24 -2.36 5.27 -19.75
N LYS D 25 -2.04 5.82 -20.92
CA LYS D 25 -1.81 7.25 -21.08
C LYS D 25 -3.14 7.99 -21.17
N ALA D 26 -3.22 9.12 -20.46
CA ALA D 26 -4.43 9.92 -20.38
C ALA D 26 -4.20 11.27 -21.05
N SER D 27 -5.12 11.63 -21.95
CA SER D 27 -5.15 12.96 -22.54
C SER D 27 -6.53 13.54 -22.40
N GLY D 28 -6.62 14.87 -22.41
CA GLY D 28 -7.87 15.59 -22.48
C GLY D 28 -8.37 16.18 -21.18
N TYR D 29 -7.77 15.83 -20.04
CA TYR D 29 -8.24 16.34 -18.77
C TYR D 29 -7.05 16.42 -17.82
N THR D 30 -7.31 17.00 -16.65
CA THR D 30 -6.32 17.10 -15.58
C THR D 30 -6.21 15.74 -14.90
N PHE D 31 -5.21 14.95 -15.33
CA PHE D 31 -4.90 13.63 -14.80
C PHE D 31 -5.13 13.44 -13.32
N THR D 32 -4.68 14.39 -12.51
CA THR D 32 -4.60 14.20 -11.08
C THR D 32 -5.96 14.29 -10.38
N GLU D 33 -7.01 14.69 -11.09
CA GLU D 33 -8.29 14.96 -10.46
C GLU D 33 -9.26 13.79 -10.54
N TYR D 34 -8.82 12.64 -11.06
CA TYR D 34 -9.71 11.51 -11.32
C TYR D 34 -8.98 10.22 -10.97
N TYR D 35 -9.62 9.35 -10.18
CA TYR D 35 -9.03 8.05 -9.89
C TYR D 35 -9.02 7.19 -11.15
N MET D 36 -8.08 6.25 -11.21
CA MET D 36 -8.00 5.32 -12.33
C MET D 36 -8.16 3.90 -11.82
N HIS D 37 -9.14 3.18 -12.36
CA HIS D 37 -9.40 1.80 -12.02
C HIS D 37 -8.94 0.88 -13.14
N TRP D 38 -8.87 -0.41 -12.82
CA TRP D 38 -8.64 -1.45 -13.81
C TRP D 38 -9.73 -2.51 -13.71
N VAL D 39 -10.09 -3.05 -14.86
CA VAL D 39 -11.19 -4.00 -14.99
C VAL D 39 -10.81 -4.96 -16.11
N ARG D 40 -10.91 -6.25 -15.86
CA ARG D 40 -10.52 -7.20 -16.91
C ARG D 40 -11.74 -8.03 -17.33
N GLN D 41 -11.52 -8.82 -18.38
CA GLN D 41 -12.61 -9.56 -19.00
C GLN D 41 -12.01 -10.75 -19.72
N ALA D 42 -12.29 -11.95 -19.24
CA ALA D 42 -11.81 -13.14 -19.92
C ALA D 42 -12.65 -13.36 -21.17
N PRO D 43 -12.10 -14.04 -22.18
CA PRO D 43 -12.84 -14.22 -23.44
C PRO D 43 -14.22 -14.81 -23.19
N GLY D 44 -15.23 -14.20 -23.80
CA GLY D 44 -16.60 -14.67 -23.68
C GLY D 44 -17.19 -14.60 -22.29
N GLN D 45 -16.71 -13.70 -21.43
CA GLN D 45 -17.12 -13.66 -20.04
C GLN D 45 -17.39 -12.23 -19.58
N GLY D 46 -17.67 -12.09 -18.29
CA GLY D 46 -18.07 -10.83 -17.70
C GLY D 46 -16.89 -10.03 -17.17
N LEU D 47 -17.22 -8.93 -16.51
CA LEU D 47 -16.26 -7.91 -16.11
C LEU D 47 -15.89 -8.07 -14.64
N GLU D 48 -14.58 -8.05 -14.37
CA GLU D 48 -14.04 -8.22 -13.02
C GLU D 48 -13.20 -7.02 -12.65
N TRP D 49 -13.64 -6.28 -11.62
CA TRP D 49 -12.89 -5.14 -11.11
C TRP D 49 -11.58 -5.60 -10.49
N MET D 50 -10.51 -4.85 -10.77
CA MET D 50 -9.18 -5.17 -10.28
C MET D 50 -8.66 -4.23 -9.21
N GLY D 51 -9.13 -2.99 -9.17
CA GLY D 51 -8.72 -2.04 -8.16
C GLY D 51 -8.44 -0.64 -8.68
N TRP D 52 -8.27 0.35 -7.79
CA TRP D 52 -8.05 1.72 -8.20
C TRP D 52 -6.79 2.32 -7.59
N ILE D 53 -6.19 3.23 -8.34
CA ILE D 53 -5.10 4.07 -7.90
C ILE D 53 -5.60 5.52 -7.92
N ASN D 54 -5.31 6.25 -6.85
CA ASN D 54 -5.48 7.69 -6.87
C ASN D 54 -4.18 8.32 -7.37
N PRO D 55 -4.21 9.06 -8.50
CA PRO D 55 -2.95 9.50 -9.11
C PRO D 55 -2.38 10.77 -8.50
N LYS D 56 -3.15 11.48 -7.67
CA LYS D 56 -2.60 12.54 -6.84
C LYS D 56 -1.58 12.01 -5.85
N SER D 57 -1.85 10.82 -5.27
CA SER D 57 -1.11 10.32 -4.13
C SER D 57 -0.39 9.00 -4.38
N GLY D 58 -0.82 8.22 -5.36
CA GLY D 58 -0.32 6.87 -5.54
C GLY D 58 -0.97 5.83 -4.68
N ASP D 59 -1.92 6.22 -3.82
CA ASP D 59 -2.59 5.28 -2.93
C ASP D 59 -3.52 4.37 -3.72
N THR D 60 -3.37 3.07 -3.52
CA THR D 60 -4.17 2.07 -4.20
C THR D 60 -5.22 1.47 -3.27
N LYS D 61 -6.16 0.76 -3.90
CA LYS D 61 -7.15 -0.07 -3.21
C LYS D 61 -7.44 -1.29 -4.08
N PHE D 62 -7.31 -2.47 -3.49
CA PHE D 62 -7.51 -3.72 -4.21
C PHE D 62 -8.51 -4.60 -3.49
N PRO D 63 -9.18 -5.50 -4.21
CA PRO D 63 -9.97 -6.55 -3.57
C PRO D 63 -9.11 -7.79 -3.36
N GLN D 64 -9.59 -8.67 -2.47
CA GLN D 64 -8.73 -9.79 -2.07
C GLN D 64 -8.21 -10.59 -3.25
N ARG D 65 -8.99 -10.65 -4.34
CA ARG D 65 -8.63 -11.46 -5.49
C ARG D 65 -7.28 -11.06 -6.10
N PHE D 66 -6.82 -9.83 -5.89
CA PHE D 66 -5.63 -9.32 -6.55
C PHE D 66 -4.61 -8.67 -5.62
N GLN D 67 -4.92 -8.57 -4.33
CA GLN D 67 -3.96 -8.18 -3.30
C GLN D 67 -2.67 -8.96 -3.41
N GLY D 68 -1.57 -8.25 -3.65
CA GLY D 68 -0.26 -8.88 -3.79
C GLY D 68 -0.02 -9.53 -5.11
N ARG D 69 -1.04 -9.64 -5.96
CA ARG D 69 -0.88 -10.10 -7.33
C ARG D 69 -0.60 -8.94 -8.27
N VAL D 70 -1.21 -7.79 -8.02
CA VAL D 70 -1.18 -6.68 -8.96
C VAL D 70 -0.73 -5.43 -8.22
N THR D 71 0.07 -4.63 -8.91
CA THR D 71 0.67 -3.42 -8.38
C THR D 71 0.32 -2.28 -9.33
N LEU D 72 -0.25 -1.21 -8.80
CA LEU D 72 -0.61 -0.04 -9.59
C LEU D 72 0.37 1.09 -9.30
N THR D 73 1.03 1.61 -10.34
CA THR D 73 1.91 2.76 -10.19
C THR D 73 1.46 3.83 -11.17
N ARG D 74 1.96 5.06 -11.00
CA ARG D 74 1.67 6.08 -12.01
C ARG D 74 2.84 7.05 -12.15
N ASP D 75 2.86 7.72 -13.30
CA ASP D 75 3.84 8.75 -13.62
C ASP D 75 3.02 9.98 -14.00
N THR D 76 2.87 10.92 -13.07
CA THR D 76 2.04 12.08 -13.33
C THR D 76 2.71 13.09 -14.26
N SER D 77 4.04 13.07 -14.35
CA SER D 77 4.72 13.92 -15.34
C SER D 77 4.11 13.73 -16.72
N ILE D 78 3.76 12.48 -17.07
CA ILE D 78 3.28 12.13 -18.40
C ILE D 78 1.88 11.55 -18.34
N SER D 79 1.14 11.80 -17.26
CA SER D 79 -0.26 11.39 -17.13
C SER D 79 -0.45 9.92 -17.51
N THR D 80 0.32 9.02 -16.90
CA THR D 80 0.20 7.61 -17.23
C THR D 80 0.02 6.76 -15.98
N VAL D 81 -0.69 5.66 -16.15
CA VAL D 81 -0.92 4.67 -15.09
C VAL D 81 -0.43 3.32 -15.57
N TYR D 82 0.17 2.55 -14.67
CA TYR D 82 0.69 1.23 -14.96
C TYR D 82 0.05 0.20 -14.05
N MET D 83 -0.24 -0.96 -14.62
CA MET D 83 -0.82 -2.12 -13.94
C MET D 83 0.13 -3.29 -14.16
N GLU D 84 0.78 -3.75 -13.10
CA GLU D 84 1.66 -4.91 -13.15
C GLU D 84 0.92 -6.09 -12.53
N LEU D 85 0.82 -7.19 -13.27
CA LEU D 85 0.24 -8.43 -12.76
C LEU D 85 1.34 -9.49 -12.77
N THR D 86 1.57 -10.10 -11.60
CA THR D 86 2.70 -10.98 -11.37
C THR D 86 2.23 -12.42 -11.25
N ARG D 87 3.10 -13.34 -11.67
CA ARG D 87 2.83 -14.78 -11.55
C ARG D 87 1.61 -15.18 -12.40
N LEU D 88 1.77 -15.04 -13.72
CA LEU D 88 0.65 -15.27 -14.62
C LEU D 88 0.34 -16.76 -14.76
N ARG D 89 -0.96 -17.08 -14.79
CA ARG D 89 -1.49 -18.41 -15.06
C ARG D 89 -2.53 -18.32 -16.17
N SER D 90 -2.98 -19.49 -16.64
CA SER D 90 -3.84 -19.53 -17.83
C SER D 90 -5.17 -18.81 -17.61
N ASP D 91 -5.72 -18.87 -16.39
CA ASP D 91 -6.99 -18.16 -16.17
C ASP D 91 -6.80 -16.64 -16.08
N ASP D 92 -5.57 -16.16 -16.32
CA ASP D 92 -5.29 -14.73 -16.38
C ASP D 92 -5.39 -14.16 -17.79
N THR D 93 -5.47 -15.03 -18.80
CA THR D 93 -5.76 -14.59 -20.16
C THR D 93 -7.02 -13.75 -20.18
N ALA D 94 -6.92 -12.52 -20.67
CA ALA D 94 -8.06 -11.64 -20.65
C ALA D 94 -7.70 -10.30 -21.29
N VAL D 95 -8.73 -9.47 -21.48
CA VAL D 95 -8.60 -8.11 -21.97
C VAL D 95 -8.68 -7.20 -20.76
N TYR D 96 -7.65 -6.39 -20.56
CA TYR D 96 -7.51 -5.51 -19.41
C TYR D 96 -7.80 -4.09 -19.83
N TYR D 97 -8.73 -3.45 -19.14
CA TYR D 97 -9.17 -2.09 -19.40
C TYR D 97 -8.74 -1.21 -18.24
N CYS D 98 -8.17 -0.06 -18.54
CA CYS D 98 -8.15 1.04 -17.58
C CYS D 98 -9.46 1.81 -17.77
N ALA D 99 -10.03 2.28 -16.67
CA ALA D 99 -11.28 3.03 -16.73
C ALA D 99 -11.19 4.20 -15.75
N ARG D 100 -11.57 5.38 -16.21
CA ARG D 100 -11.48 6.55 -15.36
C ARG D 100 -12.71 6.62 -14.46
N GLY D 101 -12.49 6.71 -13.16
CA GLY D 101 -13.59 6.81 -12.23
C GLY D 101 -14.09 8.25 -12.11
N ASN D 102 -15.41 8.38 -11.98
CA ASN D 102 -16.05 9.66 -11.70
C ASN D 102 -16.48 9.68 -10.25
N PHE D 103 -16.02 10.68 -9.51
CA PHE D 103 -16.17 10.74 -8.05
C PHE D 103 -15.57 9.47 -7.43
N ARG D 104 -14.30 9.24 -7.72
CA ARG D 104 -13.60 8.02 -7.32
C ARG D 104 -14.18 6.80 -8.03
N ASP D 105 -15.39 6.36 -7.64
CA ASP D 105 -15.90 5.09 -8.14
C ASP D 105 -17.41 5.06 -8.38
N TYR D 106 -18.07 6.21 -8.49
CA TYR D 106 -19.51 6.25 -8.71
C TYR D 106 -19.87 5.63 -10.07
N TYR D 107 -19.12 5.98 -11.12
CA TYR D 107 -19.34 5.36 -12.42
C TYR D 107 -18.09 5.52 -13.27
N PHE D 108 -18.06 4.76 -14.37
CA PHE D 108 -16.92 4.71 -15.29
C PHE D 108 -17.36 5.28 -16.65
N ALA D 109 -17.42 6.61 -16.73
CA ALA D 109 -17.79 7.25 -18.00
C ALA D 109 -16.78 6.93 -19.10
N SER D 110 -15.49 6.98 -18.78
CA SER D 110 -14.42 6.96 -19.78
C SER D 110 -13.58 5.70 -19.65
N TRP D 111 -13.39 5.00 -20.77
CA TRP D 111 -12.66 3.74 -20.80
C TRP D 111 -11.56 3.81 -21.82
N GLY D 112 -10.53 2.99 -21.62
CA GLY D 112 -9.50 2.80 -22.63
C GLY D 112 -9.94 1.75 -23.64
N GLN D 113 -9.04 1.47 -24.58
CA GLN D 113 -9.36 0.55 -25.68
C GLN D 113 -9.09 -0.91 -25.32
N GLY D 114 -8.45 -1.17 -24.19
CA GLY D 114 -8.21 -2.54 -23.77
C GLY D 114 -6.92 -3.14 -24.31
N THR D 115 -6.28 -3.97 -23.48
CA THR D 115 -5.04 -4.65 -23.81
C THR D 115 -5.26 -6.16 -23.62
N LEU D 116 -5.09 -6.93 -24.68
CA LEU D 116 -5.23 -8.38 -24.58
C LEU D 116 -3.93 -9.00 -24.07
N VAL D 117 -3.98 -9.61 -22.88
CA VAL D 117 -2.90 -10.43 -22.36
C VAL D 117 -3.30 -11.89 -22.55
N THR D 118 -2.42 -12.67 -23.17
CA THR D 118 -2.73 -14.04 -23.59
C THR D 118 -1.67 -14.95 -23.00
N VAL D 119 -2.03 -15.66 -21.93
CA VAL D 119 -1.10 -16.57 -21.26
C VAL D 119 -1.14 -17.92 -21.96
N SER D 120 0.03 -18.40 -22.35
CA SER D 120 0.16 -19.69 -23.01
C SER D 120 -0.15 -20.83 -22.04
N SER D 121 -0.17 -22.05 -22.58
CA SER D 121 -0.35 -23.26 -21.79
C SER D 121 0.89 -24.12 -21.83
N GLY D 140 -18.18 -14.54 -1.61
CA GLY D 140 -18.52 -14.57 -0.20
C GLY D 140 -18.34 -13.22 0.44
N SER D 141 -19.46 -12.51 0.66
CA SER D 141 -19.55 -11.18 1.28
C SER D 141 -19.56 -10.07 0.23
N ASP D 142 -19.14 -10.37 -0.99
CA ASP D 142 -19.18 -9.41 -2.08
C ASP D 142 -20.58 -9.35 -2.68
N ILE D 143 -21.08 -8.14 -2.94
CA ILE D 143 -22.46 -7.96 -3.36
C ILE D 143 -22.64 -8.59 -4.74
N GLN D 144 -23.64 -9.46 -4.86
CA GLN D 144 -23.87 -10.19 -6.10
C GLN D 144 -24.89 -9.47 -6.96
N MET D 145 -24.50 -9.20 -8.21
CA MET D 145 -25.36 -8.57 -9.19
C MET D 145 -25.87 -9.64 -10.15
N THR D 146 -27.18 -9.66 -10.38
CA THR D 146 -27.88 -10.76 -11.01
C THR D 146 -28.78 -10.19 -12.09
N GLN D 147 -28.53 -10.57 -13.34
CA GLN D 147 -29.22 -10.01 -14.49
C GLN D 147 -30.15 -11.03 -15.12
N SER D 148 -31.32 -10.58 -15.54
CA SER D 148 -32.23 -11.41 -16.33
C SER D 148 -32.78 -10.61 -17.51
N PRO D 149 -32.99 -11.26 -18.67
CA PRO D 149 -32.54 -12.60 -19.08
C PRO D 149 -31.06 -12.68 -19.40
N SER D 150 -30.54 -13.90 -19.56
CA SER D 150 -29.15 -14.07 -19.98
C SER D 150 -28.99 -13.69 -21.44
N SER D 151 -29.96 -14.08 -22.28
CA SER D 151 -29.95 -13.78 -23.70
C SER D 151 -31.38 -13.46 -24.12
N LEU D 152 -31.50 -12.63 -25.16
CA LEU D 152 -32.82 -12.39 -25.73
C LEU D 152 -32.67 -11.96 -27.18
N SER D 153 -33.72 -12.21 -27.95
CA SER D 153 -33.77 -11.90 -29.38
C SER D 153 -34.95 -10.97 -29.63
N ALA D 154 -34.76 -10.01 -30.54
CA ALA D 154 -35.82 -9.06 -30.81
C ALA D 154 -35.55 -8.37 -32.15
N SER D 155 -36.22 -7.23 -32.37
CA SER D 155 -36.36 -6.62 -33.68
C SER D 155 -36.34 -5.11 -33.53
N VAL D 156 -35.90 -4.42 -34.58
CA VAL D 156 -35.94 -2.97 -34.59
C VAL D 156 -37.37 -2.51 -34.27
N GLY D 157 -37.48 -1.51 -33.40
CA GLY D 157 -38.76 -0.99 -32.97
C GLY D 157 -39.32 -1.62 -31.70
N ASP D 158 -38.87 -2.82 -31.34
CA ASP D 158 -39.34 -3.45 -30.12
C ASP D 158 -38.94 -2.65 -28.89
N ARG D 159 -39.78 -2.72 -27.86
CA ARG D 159 -39.44 -2.21 -26.53
C ARG D 159 -38.87 -3.35 -25.70
N VAL D 160 -37.73 -3.10 -25.06
CA VAL D 160 -37.04 -4.14 -24.30
C VAL D 160 -36.81 -3.69 -22.87
N THR D 161 -37.03 -4.61 -21.94
CA THR D 161 -36.80 -4.39 -20.50
C THR D 161 -35.83 -5.45 -20.00
N ILE D 162 -34.77 -5.01 -19.33
CA ILE D 162 -33.77 -5.88 -18.71
C ILE D 162 -33.81 -5.66 -17.21
N THR D 163 -33.66 -6.72 -16.42
CA THR D 163 -33.70 -6.63 -14.97
C THR D 163 -32.30 -6.89 -14.40
N CYS D 164 -31.98 -6.14 -13.34
CA CYS D 164 -30.76 -6.33 -12.55
C CYS D 164 -31.16 -6.35 -11.08
N ARG D 165 -30.41 -7.12 -10.29
CA ARG D 165 -30.80 -7.46 -8.92
C ARG D 165 -29.57 -7.54 -8.03
N ALA D 166 -29.56 -6.78 -6.95
CA ALA D 166 -28.46 -6.78 -5.99
C ALA D 166 -28.80 -7.61 -4.77
N SER D 167 -27.82 -8.34 -4.25
CA SER D 167 -28.00 -9.14 -3.04
C SER D 167 -28.03 -8.28 -1.77
N GLN D 168 -27.87 -6.97 -1.90
CA GLN D 168 -27.89 -6.05 -0.76
C GLN D 168 -28.44 -4.73 -1.25
N ASN D 169 -28.98 -3.94 -0.31
CA ASN D 169 -29.39 -2.58 -0.64
C ASN D 169 -28.17 -1.75 -1.05
N ILE D 170 -28.23 -1.18 -2.26
CA ILE D 170 -27.20 -0.32 -2.82
C ILE D 170 -27.71 1.09 -3.09
N ASN D 171 -28.88 1.45 -2.55
CA ASN D 171 -29.49 2.77 -2.79
C ASN D 171 -29.54 2.99 -4.31
N ILE D 172 -29.01 4.09 -4.84
CA ILE D 172 -29.03 4.32 -6.28
C ILE D 172 -27.63 4.24 -6.86
N TYR D 173 -26.74 3.48 -6.21
CA TYR D 173 -25.37 3.30 -6.69
C TYR D 173 -25.31 2.16 -7.70
N LEU D 174 -25.96 2.40 -8.84
CA LEU D 174 -26.03 1.41 -9.91
C LEU D 174 -25.87 2.08 -11.27
N ASN D 175 -25.08 1.45 -12.14
CA ASN D 175 -24.85 1.95 -13.49
C ASN D 175 -25.11 0.84 -14.51
N TRP D 176 -25.48 1.27 -15.72
CA TRP D 176 -25.71 0.40 -16.86
C TRP D 176 -24.74 0.76 -17.97
N TYR D 177 -24.15 -0.28 -18.58
CA TYR D 177 -23.15 -0.21 -19.63
C TYR D 177 -23.55 -1.10 -20.79
N GLN D 178 -23.26 -0.63 -22.00
CA GLN D 178 -23.37 -1.42 -23.23
C GLN D 178 -21.97 -1.78 -23.73
N GLN D 179 -21.80 -3.01 -24.19
CA GLN D 179 -20.55 -3.44 -24.79
C GLN D 179 -20.84 -4.14 -26.10
N LYS D 180 -20.22 -3.66 -27.16
CA LYS D 180 -20.24 -4.27 -28.47
C LYS D 180 -18.99 -5.13 -28.65
N PRO D 181 -19.04 -6.16 -29.49
CA PRO D 181 -17.88 -7.07 -29.61
C PRO D 181 -16.62 -6.31 -30.05
N GLY D 182 -15.51 -6.57 -29.36
CA GLY D 182 -14.27 -5.90 -29.68
C GLY D 182 -14.20 -4.46 -29.25
N LYS D 183 -15.08 -4.05 -28.35
CA LYS D 183 -15.19 -2.67 -27.90
C LYS D 183 -15.24 -2.63 -26.38
N ALA D 184 -14.78 -1.52 -25.82
CA ALA D 184 -14.91 -1.28 -24.39
C ALA D 184 -16.35 -0.91 -24.04
N PRO D 185 -16.75 -1.12 -22.80
CA PRO D 185 -18.11 -0.74 -22.39
C PRO D 185 -18.38 0.75 -22.51
N LYS D 186 -19.47 1.10 -23.20
CA LYS D 186 -20.04 2.43 -23.09
C LYS D 186 -20.90 2.53 -21.83
N LEU D 187 -20.77 3.62 -21.09
CA LEU D 187 -21.71 3.92 -20.03
C LEU D 187 -22.97 4.53 -20.63
N LEU D 188 -24.11 3.99 -20.24
CA LEU D 188 -25.40 4.55 -20.62
C LEU D 188 -26.13 5.20 -19.47
N ILE D 189 -26.05 4.64 -18.27
CA ILE D 189 -26.86 5.13 -17.15
C ILE D 189 -26.05 5.06 -15.86
N TYR D 190 -26.15 6.11 -15.05
CA TYR D 190 -25.52 6.15 -13.73
C TYR D 190 -26.54 6.67 -12.73
N ALA D 191 -26.27 6.41 -11.45
CA ALA D 191 -27.19 6.79 -10.37
C ALA D 191 -28.58 6.19 -10.60
N ALA D 192 -28.61 4.98 -11.15
CA ALA D 192 -29.84 4.22 -11.33
C ALA D 192 -30.69 4.73 -12.49
N SER D 193 -30.67 6.05 -12.73
CA SER D 193 -31.60 6.62 -13.70
C SER D 193 -31.13 7.90 -14.37
N SER D 194 -29.84 8.21 -14.34
CA SER D 194 -29.30 9.37 -15.05
C SER D 194 -28.79 8.92 -16.41
N LEU D 195 -29.29 9.54 -17.47
CA LEU D 195 -28.86 9.22 -18.82
C LEU D 195 -27.56 9.97 -19.11
N GLN D 196 -26.49 9.22 -19.40
CA GLN D 196 -25.19 9.83 -19.65
C GLN D 196 -25.25 10.66 -20.93
N SER D 197 -24.54 11.79 -20.92
CA SER D 197 -24.59 12.70 -22.05
C SER D 197 -24.20 12.00 -23.34
N GLY D 198 -24.98 12.26 -24.39
CA GLY D 198 -24.71 11.68 -25.70
C GLY D 198 -25.36 10.35 -25.96
N VAL D 199 -26.30 9.92 -25.13
CA VAL D 199 -26.93 8.61 -25.22
C VAL D 199 -28.33 8.79 -25.77
N PRO D 200 -28.77 7.98 -26.74
CA PRO D 200 -30.14 8.10 -27.23
C PRO D 200 -31.12 8.05 -26.07
N SER D 201 -32.08 9.00 -26.06
CA SER D 201 -33.03 9.11 -24.97
C SER D 201 -34.03 7.97 -24.92
N THR D 202 -33.99 7.03 -25.88
CA THR D 202 -34.81 5.83 -25.76
C THR D 202 -34.43 5.02 -24.53
N PHE D 203 -33.19 5.17 -24.06
CA PHE D 203 -32.74 4.46 -22.87
C PHE D 203 -33.23 5.15 -21.61
N SER D 204 -33.65 4.34 -20.62
CA SER D 204 -33.99 4.85 -19.30
C SER D 204 -33.65 3.79 -18.26
N GLY D 205 -33.46 4.26 -17.03
CA GLY D 205 -33.20 3.35 -15.93
C GLY D 205 -34.17 3.62 -14.80
N SER D 206 -34.44 2.56 -14.02
CA SER D 206 -35.31 2.71 -12.86
C SER D 206 -34.88 1.76 -11.76
N GLY D 207 -35.34 2.06 -10.54
CA GLY D 207 -35.07 1.24 -9.38
C GLY D 207 -34.32 1.98 -8.31
N SER D 208 -34.49 1.55 -7.05
CA SER D 208 -33.70 2.11 -5.95
C SER D 208 -33.74 1.13 -4.79
N GLY D 209 -32.58 0.56 -4.46
CA GLY D 209 -32.49 -0.39 -3.37
C GLY D 209 -31.88 -1.70 -3.80
N THR D 210 -32.69 -2.60 -4.36
CA THR D 210 -32.27 -3.95 -4.70
C THR D 210 -32.63 -4.39 -6.11
N ASP D 211 -33.59 -3.74 -6.76
CA ASP D 211 -34.16 -4.22 -8.02
C ASP D 211 -34.24 -3.08 -9.01
N PHE D 212 -33.66 -3.30 -10.19
CA PHE D 212 -33.44 -2.25 -11.17
C PHE D 212 -33.84 -2.74 -12.55
N ALA D 213 -34.23 -1.79 -13.41
CA ALA D 213 -34.64 -2.10 -14.76
C ALA D 213 -34.01 -1.12 -15.75
N LEU D 214 -33.47 -1.65 -16.84
CA LEU D 214 -33.05 -0.86 -17.99
C LEU D 214 -34.09 -1.03 -19.09
N THR D 215 -34.55 0.09 -19.66
CA THR D 215 -35.65 0.06 -20.61
C THR D 215 -35.27 0.82 -21.87
N ILE D 216 -35.40 0.15 -23.01
CA ILE D 216 -35.19 0.75 -24.32
C ILE D 216 -36.56 0.85 -24.99
N SER D 217 -36.99 2.08 -25.28
CA SER D 217 -38.33 2.30 -25.80
C SER D 217 -38.50 1.73 -27.20
N SER D 218 -37.50 1.90 -28.06
CA SER D 218 -37.54 1.36 -29.42
C SER D 218 -36.15 0.91 -29.81
N LEU D 219 -35.95 -0.41 -29.87
CA LEU D 219 -34.65 -0.97 -30.23
C LEU D 219 -34.25 -0.47 -31.62
N GLN D 220 -33.10 0.19 -31.71
CA GLN D 220 -32.57 0.66 -32.98
C GLN D 220 -31.42 -0.22 -33.45
N PRO D 221 -31.05 -0.11 -34.73
CA PRO D 221 -30.24 -1.17 -35.34
C PRO D 221 -28.92 -1.45 -34.67
N GLU D 222 -28.40 -0.52 -33.85
CA GLU D 222 -27.09 -0.69 -33.22
C GLU D 222 -27.22 -0.75 -31.70
N ASP D 223 -28.40 -1.09 -31.19
CA ASP D 223 -28.58 -1.42 -29.79
C ASP D 223 -28.32 -2.88 -29.51
N PHE D 224 -27.89 -3.65 -30.51
CA PHE D 224 -27.63 -5.07 -30.34
C PHE D 224 -26.22 -5.24 -29.78
N ALA D 225 -26.16 -5.63 -28.51
CA ALA D 225 -24.92 -5.63 -27.73
C ALA D 225 -25.20 -6.41 -26.46
N THR D 226 -24.17 -6.59 -25.64
CA THR D 226 -24.36 -7.14 -24.31
C THR D 226 -24.46 -5.99 -23.31
N TYR D 227 -25.40 -6.09 -22.38
CA TYR D 227 -25.66 -5.05 -21.40
C TYR D 227 -25.27 -5.54 -20.02
N TYR D 228 -24.57 -4.71 -19.27
CA TYR D 228 -24.08 -5.03 -17.93
C TYR D 228 -24.58 -3.99 -16.94
N CYS D 229 -24.99 -4.44 -15.75
CA CYS D 229 -25.16 -3.54 -14.62
C CYS D 229 -23.96 -3.66 -13.70
N GLN D 230 -23.76 -2.62 -12.88
CA GLN D 230 -22.57 -2.57 -12.03
C GLN D 230 -22.93 -1.75 -10.81
N GLN D 231 -22.60 -2.29 -9.62
CA GLN D 231 -22.84 -1.60 -8.37
C GLN D 231 -21.58 -0.84 -7.96
N SER D 232 -21.78 0.36 -7.41
CA SER D 232 -20.69 1.16 -6.88
C SER D 232 -20.87 1.43 -5.39
N TYR D 233 -21.79 0.71 -4.73
CA TYR D 233 -22.10 0.99 -3.34
C TYR D 233 -20.92 0.71 -2.42
N SER D 234 -20.29 -0.45 -2.57
CA SER D 234 -19.24 -0.87 -1.64
C SER D 234 -18.24 -1.76 -2.38
N SER D 235 -17.02 -1.80 -1.84
CA SER D 235 -15.95 -2.58 -2.44
C SER D 235 -16.11 -4.07 -2.08
N PRO D 236 -15.65 -4.97 -2.95
CA PRO D 236 -15.24 -4.77 -4.35
C PRO D 236 -16.40 -4.37 -5.25
N LEU D 237 -16.09 -3.65 -6.33
CA LEU D 237 -17.09 -3.32 -7.34
C LEU D 237 -17.37 -4.54 -8.20
N THR D 238 -18.66 -4.86 -8.37
CA THR D 238 -19.07 -6.07 -9.06
C THR D 238 -20.05 -5.74 -10.19
N PHE D 239 -20.08 -6.62 -11.18
CA PHE D 239 -20.95 -6.50 -12.34
C PHE D 239 -21.96 -7.65 -12.37
N GLY D 240 -23.17 -7.36 -12.84
CA GLY D 240 -24.04 -8.40 -13.32
C GLY D 240 -23.33 -9.18 -14.42
N GLY D 241 -23.82 -10.38 -14.73
CA GLY D 241 -23.13 -11.26 -15.63
C GLY D 241 -23.44 -11.11 -17.10
N GLY D 242 -24.36 -10.21 -17.45
CA GLY D 242 -24.56 -9.82 -18.83
C GLY D 242 -25.86 -10.24 -19.47
N THR D 243 -26.63 -9.26 -19.95
CA THR D 243 -27.84 -9.51 -20.73
C THR D 243 -27.50 -9.28 -22.20
N LYS D 244 -27.38 -10.36 -22.96
CA LYS D 244 -27.05 -10.27 -24.38
C LYS D 244 -28.33 -10.07 -25.20
N VAL D 245 -28.30 -9.10 -26.11
CA VAL D 245 -29.46 -8.66 -26.86
C VAL D 245 -29.19 -8.86 -28.34
N GLU D 246 -29.81 -9.88 -28.92
CA GLU D 246 -29.52 -10.32 -30.27
C GLU D 246 -30.59 -9.85 -31.26
N ILE D 247 -30.29 -10.03 -32.54
CA ILE D 247 -31.27 -9.94 -33.62
C ILE D 247 -31.76 -11.35 -33.93
N LYS D 248 -33.02 -11.44 -34.33
CA LYS D 248 -33.60 -12.73 -34.73
C LYS D 248 -32.76 -13.40 -35.80
#